data_7HIS
#
_entry.id   7HIS
#
_cell.length_a   87.751
_cell.length_b   87.751
_cell.length_c   85.822
_cell.angle_alpha   90.00
_cell.angle_beta   90.00
_cell.angle_gamma   120.00
#
_symmetry.space_group_name_H-M   'P 31'
#
loop_
_entity.id
_entity.type
_entity.pdbx_description
1 polymer 'Non-structural protein 3'
2 non-polymer 'DIMETHYL SULFOXIDE'
3 non-polymer 2-AMINO-2-HYDROXYMETHYL-PROPANE-1,3-DIOL
4 non-polymer 'CHLORIDE ION'
5 non-polymer N-(4-oxo-1,4-dihydropyrimidin-2-yl)-1,3-thiazole-2-carboxamide
6 water water
#
_entity_poly.entity_id   1
_entity_poly.type   'polypeptide(L)'
_entity_poly.pdbx_seq_one_letter_code
;GAMAPSYRVKRMDIAKNDEECVVNAANPRGLPGDGVCKAVYKKWPESFKNSATPVGTAKTVMCGTYPVIHAVGPNFSNYT
ESEGDRELAAAYREVAKEVTRLGVNSVAIPLLSTGVYSGGKDRLTQSLNHLFTAMDSTDADVVIYCRDKEWEKKISEAIQ
MRT
;
_entity_poly.pdbx_strand_id   A,B,C,D
#
loop_
_chem_comp.id
_chem_comp.type
_chem_comp.name
_chem_comp.formula
A1BCN non-polymer N-(4-oxo-1,4-dihydropyrimidin-2-yl)-1,3-thiazole-2-carboxamide 'C8 H6 N4 O2 S'
CL non-polymer 'CHLORIDE ION' 'Cl -1'
DMS non-polymer 'DIMETHYL SULFOXIDE' 'C2 H6 O S'
TRS non-polymer 2-AMINO-2-HYDROXYMETHYL-PROPANE-1,3-DIOL 'C4 H12 N O3 1'
#
# COMPACT_ATOMS: atom_id res chain seq x y z
N GLY A 1 -20.09 7.12 -12.68
CA GLY A 1 -20.23 8.48 -12.16
C GLY A 1 -20.93 8.53 -10.82
N ALA A 2 -20.86 9.68 -10.13
CA ALA A 2 -21.57 9.83 -8.86
C ALA A 2 -23.06 9.95 -9.13
N MET A 3 -23.93 9.44 -8.21
CA MET A 3 -25.38 9.51 -8.43
C MET A 3 -25.96 10.94 -8.51
N ALA A 4 -25.36 11.87 -7.74
CA ALA A 4 -25.79 13.28 -7.74
C ALA A 4 -24.49 14.07 -7.64
N PRO A 5 -23.78 14.20 -8.78
CA PRO A 5 -22.45 14.86 -8.74
C PRO A 5 -22.43 16.18 -7.96
N SER A 6 -21.46 16.33 -7.04
CA SER A 6 -21.39 17.52 -6.20
C SER A 6 -20.00 18.12 -6.15
N TYR A 7 -19.91 19.35 -5.60
CA TYR A 7 -18.68 20.02 -5.21
C TYR A 7 -18.71 20.19 -3.69
N ARG A 8 -17.56 19.95 -3.07
CA ARG A 8 -17.37 20.17 -1.62
C ARG A 8 -16.00 20.81 -1.42
N VAL A 9 -15.78 21.45 -0.26
CA VAL A 9 -14.46 22.00 0.05
C VAL A 9 -14.05 21.54 1.46
N LYS A 10 -12.76 21.16 1.63
CA LYS A 10 -12.23 20.78 2.93
C LYS A 10 -10.91 21.53 3.18
N ARG A 11 -10.71 21.97 4.43
CA ARG A 11 -9.48 22.68 4.80
C ARG A 11 -8.56 21.69 5.53
N MET A 12 -7.67 21.06 4.76
CA MET A 12 -6.75 20.05 5.29
C MET A 12 -5.76 19.65 4.17
N ASP A 13 -4.77 18.86 4.55
CA ASP A 13 -3.75 18.38 3.63
C ASP A 13 -4.36 17.40 2.64
N ILE A 14 -4.26 17.73 1.33
CA ILE A 14 -4.78 16.85 0.24
C ILE A 14 -4.14 15.46 0.25
N ALA A 15 -2.96 15.30 0.88
CA ALA A 15 -2.35 13.96 0.99
C ALA A 15 -3.17 13.01 1.90
N LYS A 16 -4.16 13.55 2.67
CA LYS A 16 -5.02 12.73 3.52
C LYS A 16 -6.45 12.61 2.89
N ASN A 17 -6.60 12.88 1.55
CA ASN A 17 -7.93 12.89 0.94
C ASN A 17 -8.67 11.55 1.01
N ASP A 18 -10.00 11.60 0.87
CA ASP A 18 -10.85 10.41 0.92
C ASP A 18 -11.51 10.18 -0.46
N GLU A 19 -10.80 10.56 -1.54
CA GLU A 19 -11.29 10.42 -2.90
C GLU A 19 -10.54 9.34 -3.71
N GLU A 20 -11.09 9.00 -4.89
CA GLU A 20 -10.54 7.89 -5.70
C GLU A 20 -9.27 8.23 -6.47
N CYS A 21 -8.94 9.52 -6.55
CA CYS A 21 -7.72 9.98 -7.21
C CYS A 21 -7.41 11.40 -6.74
N VAL A 22 -6.17 11.85 -7.02
CA VAL A 22 -5.74 13.17 -6.58
C VAL A 22 -5.13 13.93 -7.72
N VAL A 23 -5.33 15.25 -7.72
CA VAL A 23 -4.65 16.12 -8.68
C VAL A 23 -3.51 16.80 -7.92
N ASN A 24 -2.28 16.67 -8.47
CA ASN A 24 -1.14 17.36 -7.91
C ASN A 24 -0.96 18.74 -8.59
N ALA A 25 -0.62 19.78 -7.81
CA ALA A 25 -0.30 21.09 -8.36
C ALA A 25 1.22 21.00 -8.68
N ALA A 26 1.49 20.39 -9.86
CA ALA A 26 2.85 20.02 -10.23
C ALA A 26 3.71 21.13 -10.87
N ASN A 27 5.05 20.89 -10.90
CA ASN A 27 5.92 21.74 -11.70
C ASN A 27 6.21 20.98 -13.01
N PRO A 28 6.66 21.69 -14.05
CA PRO A 28 6.83 21.02 -15.36
C PRO A 28 7.89 19.94 -15.40
N ARG A 29 8.81 19.96 -14.44
CA ARG A 29 9.96 19.03 -14.46
C ARG A 29 9.78 17.78 -13.62
N GLY A 30 8.62 17.62 -12.98
CA GLY A 30 8.41 16.46 -12.13
C GLY A 30 9.28 16.44 -10.90
N LEU A 31 9.68 17.64 -10.42
CA LEU A 31 10.51 17.72 -9.20
C LEU A 31 9.59 17.71 -7.92
N PRO A 32 10.14 17.33 -6.74
CA PRO A 32 9.32 17.36 -5.51
C PRO A 32 8.64 18.69 -5.18
N GLY A 33 9.28 19.81 -5.51
CA GLY A 33 8.62 21.10 -5.34
C GLY A 33 8.36 21.56 -3.92
N ASP A 34 7.29 22.36 -3.74
CA ASP A 34 6.84 23.00 -2.49
C ASP A 34 5.33 22.88 -2.30
N GLY A 35 4.84 23.21 -1.11
CA GLY A 35 3.40 23.21 -0.82
C GLY A 35 2.70 21.90 -1.11
N VAL A 36 1.61 21.94 -1.92
CA VAL A 36 0.86 20.73 -2.26
C VAL A 36 1.79 19.71 -2.96
N CYS A 37 2.66 20.19 -3.86
CA CYS A 37 3.51 19.28 -4.64
C CYS A 37 4.43 18.45 -3.71
N LYS A 38 4.99 19.12 -2.70
CA LYS A 38 5.88 18.41 -1.75
C LYS A 38 5.07 17.40 -0.89
N ALA A 39 3.83 17.76 -0.52
CA ALA A 39 2.99 16.82 0.25
C ALA A 39 2.66 15.57 -0.60
N VAL A 40 2.39 15.81 -1.89
CA VAL A 40 2.08 14.71 -2.83
C VAL A 40 3.32 13.83 -3.01
N TYR A 41 4.53 14.47 -3.11
CA TYR A 41 5.76 13.70 -3.28
C TYR A 41 6.00 12.81 -2.05
N LYS A 42 5.72 13.32 -0.86
CA LYS A 42 5.97 12.50 0.36
C LYS A 42 4.99 11.32 0.45
N LYS A 43 3.74 11.54 0.00
CA LYS A 43 2.71 10.49 0.12
C LYS A 43 2.73 9.46 -1.04
N TRP A 44 3.01 9.92 -2.27
CA TRP A 44 2.97 9.08 -3.47
C TRP A 44 4.23 9.29 -4.32
N PRO A 45 5.43 9.06 -3.76
CA PRO A 45 6.66 9.33 -4.53
C PRO A 45 6.76 8.54 -5.83
N GLU A 46 6.23 7.30 -5.82
CA GLU A 46 6.29 6.44 -7.04
C GLU A 46 5.61 7.12 -8.23
N SER A 47 4.62 8.04 -7.97
CA SER A 47 3.90 8.68 -9.04
C SER A 47 4.74 9.76 -9.76
N PHE A 48 5.97 10.01 -9.30
CA PHE A 48 6.82 11.00 -9.97
C PHE A 48 7.77 10.37 -11.02
N LYS A 49 7.57 9.08 -11.32
CA LYS A 49 8.35 8.44 -12.39
C LYS A 49 7.83 8.98 -13.72
N ASN A 50 8.66 9.73 -14.46
CA ASN A 50 8.26 10.27 -15.77
C ASN A 50 7.00 11.13 -15.69
N SER A 51 6.90 11.95 -14.63
CA SER A 51 5.72 12.82 -14.51
C SER A 51 5.94 14.20 -15.15
N ALA A 52 7.15 14.54 -15.60
CA ALA A 52 7.41 15.84 -16.26
C ALA A 52 6.46 16.03 -17.45
N THR A 53 5.88 17.25 -17.58
CA THR A 53 4.91 17.56 -18.62
C THR A 53 4.85 19.07 -18.77
N PRO A 54 4.47 19.60 -19.94
CA PRO A 54 4.52 21.07 -20.10
C PRO A 54 3.48 21.85 -19.32
N VAL A 55 3.69 23.18 -19.23
CA VAL A 55 2.69 24.07 -18.62
C VAL A 55 1.37 23.95 -19.40
N GLY A 56 0.24 23.95 -18.68
CA GLY A 56 -1.06 23.87 -19.34
C GLY A 56 -1.53 22.45 -19.65
N THR A 57 -0.78 21.43 -19.19
CA THR A 57 -1.13 20.04 -19.43
C THR A 57 -1.26 19.24 -18.14
N ALA A 58 -1.83 18.01 -18.26
CA ALA A 58 -1.92 17.12 -17.11
C ALA A 58 -1.40 15.76 -17.55
N LYS A 59 -0.67 15.07 -16.65
CA LYS A 59 -0.12 13.74 -16.96
C LYS A 59 -0.37 12.85 -15.77
N THR A 60 -1.07 11.72 -15.97
CA THR A 60 -1.39 10.85 -14.82
C THR A 60 -0.36 9.72 -14.71
N VAL A 61 0.11 9.47 -13.47
CA VAL A 61 0.99 8.36 -13.16
C VAL A 61 0.39 7.63 -11.95
N MET A 62 0.31 6.29 -12.04
N MET A 62 0.29 6.29 -12.04
CA MET A 62 -0.25 5.51 -10.94
CA MET A 62 -0.24 5.54 -10.91
C MET A 62 0.76 5.29 -9.81
C MET A 62 0.78 5.42 -9.78
N CYS A 63 0.26 5.30 -8.56
CA CYS A 63 1.07 4.93 -7.38
C CYS A 63 0.30 3.67 -6.91
N GLY A 64 0.80 2.47 -7.27
CA GLY A 64 0.02 1.26 -7.05
C GLY A 64 -1.13 1.28 -8.06
N THR A 65 -2.39 1.29 -7.60
CA THR A 65 -3.53 1.50 -8.50
C THR A 65 -4.15 2.92 -8.26
N TYR A 66 -3.53 3.77 -7.42
CA TYR A 66 -4.13 5.07 -7.08
C TYR A 66 -3.61 6.11 -8.07
N PRO A 67 -4.51 6.77 -8.86
CA PRO A 67 -4.02 7.72 -9.88
C PRO A 67 -3.64 9.06 -9.32
N VAL A 68 -2.45 9.58 -9.73
CA VAL A 68 -2.06 10.93 -9.36
C VAL A 68 -2.02 11.70 -10.69
N ILE A 69 -2.87 12.75 -10.82
CA ILE A 69 -2.96 13.50 -12.07
C ILE A 69 -2.07 14.74 -11.84
N HIS A 70 -0.90 14.80 -12.50
CA HIS A 70 0.01 15.93 -12.30
C HIS A 70 -0.44 17.05 -13.24
N ALA A 71 -0.99 18.14 -12.68
CA ALA A 71 -1.49 19.25 -13.52
C ALA A 71 -0.57 20.45 -13.35
N VAL A 72 -0.05 20.98 -14.47
CA VAL A 72 0.94 22.06 -14.39
C VAL A 72 0.31 23.40 -14.73
N GLY A 73 -0.02 24.16 -13.70
CA GLY A 73 -0.49 25.52 -13.93
C GLY A 73 0.71 26.43 -14.19
N PRO A 74 0.44 27.59 -14.76
CA PRO A 74 1.53 28.54 -15.09
C PRO A 74 2.04 29.23 -13.83
N ASN A 75 3.32 29.64 -13.86
CA ASN A 75 3.85 30.47 -12.78
C ASN A 75 3.66 31.91 -13.26
N PHE A 76 2.77 32.65 -12.60
CA PHE A 76 2.45 34.02 -13.01
C PHE A 76 3.63 34.99 -12.79
N SER A 77 4.71 34.55 -12.14
CA SER A 77 5.92 35.42 -12.09
C SER A 77 6.57 35.46 -13.50
N ASN A 78 6.37 34.39 -14.32
CA ASN A 78 7.00 34.28 -15.66
C ASN A 78 6.06 34.64 -16.80
N TYR A 79 4.77 34.35 -16.65
CA TYR A 79 3.79 34.59 -17.70
C TYR A 79 3.13 35.97 -17.54
N THR A 80 2.64 36.54 -18.67
CA THR A 80 1.82 37.75 -18.59
C THR A 80 0.42 37.32 -18.01
N GLU A 81 -0.38 38.29 -17.55
CA GLU A 81 -1.73 37.95 -17.04
C GLU A 81 -2.58 37.23 -18.13
N SER A 82 -2.56 37.72 -19.38
CA SER A 82 -3.34 37.12 -20.45
C SER A 82 -2.89 35.68 -20.78
N GLU A 83 -1.56 35.48 -20.93
CA GLU A 83 -1.06 34.14 -21.29
C GLU A 83 -1.21 33.17 -20.12
N GLY A 84 -0.96 33.65 -18.91
CA GLY A 84 -1.08 32.79 -17.74
C GLY A 84 -2.52 32.37 -17.55
N ASP A 85 -3.47 33.32 -17.77
CA ASP A 85 -4.89 32.97 -17.67
C ASP A 85 -5.27 31.84 -18.64
N ARG A 86 -4.74 31.91 -19.88
CA ARG A 86 -5.03 30.90 -20.88
C ARG A 86 -4.46 29.51 -20.46
N GLU A 87 -3.21 29.50 -19.96
CA GLU A 87 -2.60 28.21 -19.56
C GLU A 87 -3.27 27.62 -18.33
N LEU A 88 -3.76 28.47 -17.42
CA LEU A 88 -4.41 27.97 -16.19
C LEU A 88 -5.74 27.31 -16.59
N ALA A 89 -6.51 27.97 -17.49
CA ALA A 89 -7.76 27.34 -17.96
C ALA A 89 -7.46 26.00 -18.66
N ALA A 90 -6.38 25.97 -19.47
CA ALA A 90 -6.00 24.77 -20.21
C ALA A 90 -5.64 23.61 -19.28
N ALA A 91 -4.87 23.90 -18.20
CA ALA A 91 -4.48 22.81 -17.28
C ALA A 91 -5.75 22.16 -16.68
N TYR A 92 -6.73 23.00 -16.28
CA TYR A 92 -7.96 22.41 -15.73
C TYR A 92 -8.74 21.61 -16.78
N ARG A 93 -8.79 22.08 -18.08
CA ARG A 93 -9.49 21.27 -19.10
C ARG A 93 -8.81 19.88 -19.23
N GLU A 94 -7.47 19.83 -19.11
CA GLU A 94 -6.77 18.53 -19.21
C GLU A 94 -7.06 17.65 -17.97
N VAL A 95 -7.23 18.27 -16.79
CA VAL A 95 -7.62 17.47 -15.60
C VAL A 95 -9.00 16.83 -15.85
N ALA A 96 -9.97 17.60 -16.40
CA ALA A 96 -11.30 17.02 -16.66
C ALA A 96 -11.23 15.83 -17.63
N LYS A 97 -10.40 15.94 -18.69
CA LYS A 97 -10.23 14.80 -19.62
C LYS A 97 -9.66 13.57 -18.88
N GLU A 98 -8.65 13.79 -18.00
CA GLU A 98 -8.05 12.65 -17.30
C GLU A 98 -9.02 12.01 -16.31
N VAL A 99 -9.75 12.85 -15.55
CA VAL A 99 -10.73 12.31 -14.59
C VAL A 99 -11.78 11.48 -15.35
N THR A 100 -12.21 11.98 -16.53
CA THR A 100 -13.23 11.20 -17.31
C THR A 100 -12.62 9.87 -17.81
N ARG A 101 -11.41 9.94 -18.38
CA ARG A 101 -10.74 8.74 -18.91
C ARG A 101 -10.55 7.64 -17.83
N LEU A 102 -10.21 8.08 -16.60
CA LEU A 102 -9.97 7.16 -15.49
C LEU A 102 -11.25 6.47 -14.99
N GLY A 103 -12.42 7.07 -15.25
CA GLY A 103 -13.68 6.46 -14.82
C GLY A 103 -13.94 6.55 -13.32
N VAL A 104 -13.17 7.42 -12.61
CA VAL A 104 -13.35 7.57 -11.16
C VAL A 104 -14.69 8.21 -10.82
N ASN A 105 -15.17 7.95 -9.61
CA ASN A 105 -16.40 8.57 -9.12
C ASN A 105 -16.13 9.80 -8.23
N SER A 106 -14.85 10.06 -7.86
CA SER A 106 -14.52 11.23 -7.06
C SER A 106 -13.07 11.62 -7.32
N VAL A 107 -12.75 12.89 -7.09
CA VAL A 107 -11.40 13.42 -7.30
C VAL A 107 -11.12 14.52 -6.27
N ALA A 108 -9.89 14.51 -5.70
CA ALA A 108 -9.44 15.57 -4.75
C ALA A 108 -8.60 16.55 -5.59
N ILE A 109 -8.91 17.85 -5.49
N ILE A 109 -8.95 17.85 -5.55
CA ILE A 109 -8.21 18.82 -6.31
CA ILE A 109 -8.27 18.85 -6.37
C ILE A 109 -7.83 20.08 -5.55
C ILE A 109 -7.84 20.08 -5.56
N PRO A 110 -6.61 20.58 -5.78
CA PRO A 110 -6.20 21.86 -5.15
C PRO A 110 -6.48 23.03 -6.14
N LEU A 111 -6.44 24.31 -5.68
CA LEU A 111 -6.59 25.43 -6.64
C LEU A 111 -5.21 25.72 -7.27
N LEU A 112 -5.09 25.36 -8.56
CA LEU A 112 -3.81 25.55 -9.27
C LEU A 112 -3.43 27.04 -9.34
N SER A 113 -2.11 27.30 -9.32
CA SER A 113 -1.49 28.62 -9.47
C SER A 113 -1.90 29.63 -8.38
N THR A 114 -2.34 29.10 -7.19
CA THR A 114 -2.71 30.01 -6.09
C THR A 114 -1.65 30.16 -4.98
N GLY A 115 -0.63 29.33 -5.01
CA GLY A 115 0.46 29.36 -4.02
C GLY A 115 1.68 30.08 -4.57
N VAL A 116 2.84 29.39 -4.59
CA VAL A 116 4.11 29.98 -5.08
C VAL A 116 4.07 30.35 -6.58
N TYR A 117 3.10 29.82 -7.36
CA TYR A 117 2.98 30.23 -8.76
C TYR A 117 1.99 31.40 -8.96
N SER A 118 1.49 32.01 -7.87
CA SER A 118 0.50 33.08 -8.02
C SER A 118 1.08 34.43 -8.46
N GLY A 119 2.41 34.58 -8.42
CA GLY A 119 3.02 35.87 -8.72
C GLY A 119 2.65 36.91 -7.67
N GLY A 120 2.37 36.46 -6.43
CA GLY A 120 2.03 37.34 -5.30
C GLY A 120 0.64 37.95 -5.31
N LYS A 121 -0.27 37.39 -6.13
CA LYS A 121 -1.62 37.91 -6.24
C LYS A 121 -2.62 36.87 -5.70
N ASP A 122 -3.79 37.35 -5.22
CA ASP A 122 -4.87 36.48 -4.76
C ASP A 122 -5.59 36.02 -6.01
N ARG A 123 -5.48 34.70 -6.33
CA ARG A 123 -6.12 34.13 -7.53
C ARG A 123 -7.18 33.09 -7.19
N LEU A 124 -7.79 33.19 -5.98
CA LEU A 124 -8.86 32.24 -5.60
C LEU A 124 -9.99 32.21 -6.64
N THR A 125 -10.60 33.39 -6.93
CA THR A 125 -11.75 33.41 -7.84
C THR A 125 -11.37 32.99 -9.26
N GLN A 126 -10.22 33.48 -9.73
CA GLN A 126 -9.74 33.13 -11.08
C GLN A 126 -9.55 31.62 -11.24
N SER A 127 -8.85 31.03 -10.25
CA SER A 127 -8.50 29.60 -10.36
C SER A 127 -9.78 28.75 -10.16
N LEU A 128 -10.59 29.10 -9.16
CA LEU A 128 -11.83 28.34 -8.91
C LEU A 128 -12.78 28.41 -10.09
N ASN A 129 -12.91 29.58 -10.72
CA ASN A 129 -13.83 29.67 -11.87
C ASN A 129 -13.33 28.80 -13.04
N HIS A 130 -11.98 28.72 -13.23
CA HIS A 130 -11.49 27.84 -14.32
C HIS A 130 -11.72 26.37 -13.93
N LEU A 131 -11.64 26.04 -12.61
CA LEU A 131 -11.90 24.68 -12.16
C LEU A 131 -13.36 24.32 -12.50
N PHE A 132 -14.32 25.23 -12.16
CA PHE A 132 -15.73 24.94 -12.45
C PHE A 132 -15.94 24.83 -13.98
N THR A 133 -15.34 25.74 -14.79
CA THR A 133 -15.57 25.66 -16.26
C THR A 133 -15.19 24.28 -16.83
N ALA A 134 -14.07 23.71 -16.29
CA ALA A 134 -13.64 22.41 -16.79
C ALA A 134 -14.43 21.24 -16.17
N MET A 135 -14.71 21.31 -14.84
CA MET A 135 -15.27 20.15 -14.16
C MET A 135 -16.79 20.06 -14.20
N ASP A 136 -17.48 21.17 -14.53
CA ASP A 136 -18.97 21.13 -14.51
C ASP A 136 -19.56 20.03 -15.38
N SER A 137 -18.92 19.74 -16.54
CA SER A 137 -19.51 18.72 -17.44
C SER A 137 -19.11 17.29 -17.05
N THR A 138 -18.28 17.11 -15.98
CA THR A 138 -17.95 15.76 -15.54
C THR A 138 -18.99 15.32 -14.48
N ASP A 139 -19.10 13.99 -14.24
CA ASP A 139 -20.03 13.51 -13.21
C ASP A 139 -19.31 12.96 -11.97
N ALA A 140 -18.02 13.27 -11.80
CA ALA A 140 -17.32 12.85 -10.58
C ALA A 140 -17.69 13.80 -9.42
N ASP A 141 -17.70 13.29 -8.15
CA ASP A 141 -17.80 14.17 -7.00
C ASP A 141 -16.42 14.88 -6.88
N VAL A 142 -16.42 16.21 -6.78
CA VAL A 142 -15.17 16.96 -6.71
C VAL A 142 -15.00 17.50 -5.31
N VAL A 143 -13.83 17.25 -4.68
CA VAL A 143 -13.58 17.78 -3.34
C VAL A 143 -12.36 18.67 -3.45
N ILE A 144 -12.55 19.97 -3.23
CA ILE A 144 -11.47 20.95 -3.34
C ILE A 144 -10.78 21.07 -1.99
N TYR A 145 -9.44 21.05 -1.99
CA TYR A 145 -8.68 21.13 -0.74
C TYR A 145 -7.97 22.48 -0.64
N CYS A 146 -7.99 23.07 0.52
CA CYS A 146 -7.33 24.35 0.75
C CYS A 146 -6.70 24.34 2.16
N ARG A 147 -5.87 25.37 2.50
CA ARG A 147 -5.28 25.38 3.85
C ARG A 147 -5.66 26.61 4.67
N ASP A 148 -6.14 27.66 4.04
CA ASP A 148 -6.48 28.92 4.72
C ASP A 148 -7.95 29.01 5.14
N LYS A 149 -8.23 29.47 6.39
CA LYS A 149 -9.61 29.52 6.90
C LYS A 149 -10.51 30.47 6.09
N GLU A 150 -9.96 31.62 5.70
CA GLU A 150 -10.74 32.59 4.92
C GLU A 150 -11.00 32.05 3.50
N TRP A 151 -10.03 31.34 2.92
CA TRP A 151 -10.23 30.73 1.60
C TRP A 151 -11.30 29.65 1.67
N GLU A 152 -11.33 28.84 2.75
CA GLU A 152 -12.35 27.79 2.89
C GLU A 152 -13.75 28.41 2.85
N LYS A 153 -13.94 29.51 3.59
CA LYS A 153 -15.23 30.18 3.63
C LYS A 153 -15.63 30.71 2.24
N LYS A 154 -14.68 31.36 1.53
CA LYS A 154 -14.95 31.93 0.20
C LYS A 154 -15.24 30.84 -0.85
N ILE A 155 -14.51 29.72 -0.80
CA ILE A 155 -14.75 28.61 -1.75
C ILE A 155 -16.13 28.01 -1.46
N SER A 156 -16.44 27.81 -0.16
CA SER A 156 -17.74 27.25 0.23
C SER A 156 -18.89 28.15 -0.22
N GLU A 157 -18.73 29.48 -0.05
CA GLU A 157 -19.75 30.43 -0.49
C GLU A 157 -19.96 30.34 -2.01
N ALA A 158 -18.86 30.23 -2.79
CA ALA A 158 -18.96 30.16 -4.24
C ALA A 158 -19.67 28.86 -4.67
N ILE A 159 -19.39 27.73 -3.98
CA ILE A 159 -20.07 26.48 -4.33
C ILE A 159 -21.58 26.60 -4.03
N GLN A 160 -21.92 27.11 -2.82
CA GLN A 160 -23.32 27.17 -2.41
C GLN A 160 -24.15 28.14 -3.22
N MET A 161 -23.56 29.24 -3.72
CA MET A 161 -24.30 30.24 -4.52
C MET A 161 -24.90 29.64 -5.79
N ARG A 162 -24.26 28.60 -6.36
CA ARG A 162 -24.71 28.01 -7.63
C ARG A 162 -25.78 26.93 -7.47
N THR A 163 -25.99 26.44 -6.22
CA THR A 163 -26.97 25.37 -5.98
C THR A 163 -28.40 25.88 -5.88
N GLY B 1 -29.49 -0.66 18.49
CA GLY B 1 -28.56 -1.24 19.47
C GLY B 1 -27.99 -2.56 19.02
N ALA B 2 -26.93 -3.03 19.69
CA ALA B 2 -26.32 -4.31 19.32
C ALA B 2 -27.23 -5.44 19.78
N MET B 3 -27.32 -6.55 19.02
CA MET B 3 -28.22 -7.65 19.41
C MET B 3 -27.92 -8.23 20.80
N ALA B 4 -26.64 -8.26 21.19
CA ALA B 4 -26.24 -8.72 22.51
C ALA B 4 -25.10 -7.80 22.89
N PRO B 5 -25.43 -6.58 23.38
CA PRO B 5 -24.39 -5.58 23.69
C PRO B 5 -23.19 -6.16 24.43
N SER B 6 -21.97 -5.89 23.94
CA SER B 6 -20.78 -6.44 24.56
C SER B 6 -19.69 -5.38 24.75
N TYR B 7 -18.64 -5.76 25.49
CA TYR B 7 -17.38 -5.05 25.60
C TYR B 7 -16.29 -5.99 25.06
N ARG B 8 -15.37 -5.41 24.27
CA ARG B 8 -14.23 -6.13 23.71
C ARG B 8 -13.01 -5.22 23.82
N VAL B 9 -11.79 -5.80 23.79
CA VAL B 9 -10.57 -4.96 23.81
C VAL B 9 -9.69 -5.33 22.60
N LYS B 10 -9.08 -4.32 21.97
CA LYS B 10 -8.14 -4.56 20.88
C LYS B 10 -6.85 -3.78 21.12
N ARG B 11 -5.72 -4.40 20.87
CA ARG B 11 -4.43 -3.77 21.00
C ARG B 11 -3.96 -3.30 19.62
N MET B 12 -4.29 -2.07 19.27
CA MET B 12 -3.95 -1.50 17.95
C MET B 12 -4.31 -0.01 17.95
N ASP B 13 -3.90 0.67 16.88
CA ASP B 13 -4.17 2.10 16.69
C ASP B 13 -5.67 2.32 16.47
N ILE B 14 -6.29 3.11 17.38
CA ILE B 14 -7.73 3.40 17.29
C ILE B 14 -8.12 4.10 15.97
N ALA B 15 -7.15 4.72 15.26
CA ALA B 15 -7.45 5.28 13.93
C ALA B 15 -7.83 4.21 12.88
N LYS B 16 -7.48 2.95 13.13
CA LYS B 16 -7.83 1.83 12.24
C LYS B 16 -9.04 1.04 12.71
N ASN B 17 -9.86 1.64 13.61
CA ASN B 17 -11.02 0.96 14.14
C ASN B 17 -12.01 0.62 13.06
N ASP B 18 -12.74 -0.47 13.26
CA ASP B 18 -13.79 -0.91 12.35
C ASP B 18 -15.20 -0.62 12.94
N GLU B 19 -15.29 0.28 13.96
CA GLU B 19 -16.56 0.62 14.60
C GLU B 19 -17.28 1.79 13.91
N GLU B 20 -18.54 2.04 14.32
CA GLU B 20 -19.36 3.07 13.66
C GLU B 20 -19.01 4.51 14.03
N CYS B 21 -18.21 4.69 15.09
CA CYS B 21 -17.75 6.00 15.52
C CYS B 21 -16.54 5.83 16.42
N VAL B 22 -15.82 6.95 16.65
CA VAL B 22 -14.63 6.91 17.49
C VAL B 22 -14.70 7.99 18.54
N VAL B 23 -14.14 7.69 19.71
CA VAL B 23 -13.95 8.68 20.77
C VAL B 23 -12.47 9.10 20.75
N ASN B 24 -12.22 10.40 20.58
CA ASN B 24 -10.86 10.93 20.61
C ASN B 24 -10.54 11.31 22.08
N ALA B 25 -9.31 11.03 22.52
CA ALA B 25 -8.84 11.44 23.85
C ALA B 25 -8.27 12.84 23.60
N ALA B 26 -9.20 13.82 23.56
CA ALA B 26 -8.89 15.17 23.12
C ALA B 26 -8.29 16.10 24.19
N ASN B 27 -7.68 17.22 23.73
CA ASN B 27 -7.31 18.30 24.62
C ASN B 27 -8.43 19.38 24.52
N PRO B 28 -8.51 20.30 25.47
CA PRO B 28 -9.64 21.26 25.48
C PRO B 28 -9.63 22.24 24.31
N ARG B 29 -8.49 22.34 23.60
CA ARG B 29 -8.34 23.37 22.57
C ARG B 29 -8.47 22.88 21.14
N GLY B 30 -8.78 21.60 20.94
CA GLY B 30 -8.89 21.09 19.56
C GLY B 30 -7.54 21.10 18.83
N LEU B 31 -6.44 20.94 19.60
CA LEU B 31 -5.10 20.89 18.98
C LEU B 31 -4.74 19.41 18.63
N PRO B 32 -3.79 19.19 17.69
CA PRO B 32 -3.40 17.81 17.33
C PRO B 32 -2.93 16.88 18.46
N GLY B 33 -2.26 17.45 19.43
CA GLY B 33 -1.86 16.69 20.61
C GLY B 33 -0.87 15.55 20.44
N ASP B 34 -0.96 14.54 21.32
CA ASP B 34 -0.09 13.36 21.36
C ASP B 34 -0.87 12.06 21.46
N GLY B 35 -0.18 10.91 21.30
CA GLY B 35 -0.78 9.59 21.42
C GLY B 35 -2.02 9.39 20.57
N VAL B 36 -3.14 8.96 21.21
CA VAL B 36 -4.40 8.75 20.47
C VAL B 36 -4.83 10.01 19.68
N CYS B 37 -4.73 11.16 20.29
CA CYS B 37 -5.19 12.41 19.66
C CYS B 37 -4.44 12.68 18.36
N LYS B 38 -3.12 12.48 18.39
CA LYS B 38 -2.31 12.71 17.18
C LYS B 38 -2.68 11.71 16.08
N ALA B 39 -3.00 10.46 16.46
CA ALA B 39 -3.42 9.46 15.49
C ALA B 39 -4.77 9.83 14.87
N VAL B 40 -5.69 10.35 15.70
CA VAL B 40 -7.00 10.79 15.22
C VAL B 40 -6.84 12.02 14.29
N TYR B 41 -5.90 12.92 14.62
CA TYR B 41 -5.65 14.09 13.77
C TYR B 41 -5.08 13.66 12.42
N LYS B 42 -4.30 12.56 12.40
CA LYS B 42 -3.66 12.11 11.13
C LYS B 42 -4.70 11.63 10.12
N LYS B 43 -5.84 11.08 10.60
CA LYS B 43 -6.88 10.57 9.70
C LYS B 43 -8.06 11.54 9.49
N TRP B 44 -8.55 12.14 10.58
CA TRP B 44 -9.70 13.04 10.52
C TRP B 44 -9.33 14.46 11.02
N PRO B 45 -8.38 15.17 10.38
CA PRO B 45 -8.02 16.51 10.86
C PRO B 45 -9.19 17.47 10.76
N GLU B 46 -10.06 17.28 9.75
CA GLU B 46 -11.23 18.16 9.59
C GLU B 46 -12.23 17.97 10.73
N SER B 47 -12.12 16.87 11.50
CA SER B 47 -12.96 16.70 12.68
C SER B 47 -12.55 17.66 13.79
N PHE B 48 -11.39 18.31 13.69
CA PHE B 48 -10.96 19.26 14.69
C PHE B 48 -11.47 20.69 14.43
N LYS B 49 -12.33 20.88 13.40
CA LYS B 49 -12.88 22.20 13.12
C LYS B 49 -13.86 22.53 14.25
N ASN B 50 -13.52 23.56 15.03
CA ASN B 50 -14.37 23.99 16.15
C ASN B 50 -14.64 22.86 17.16
N SER B 51 -13.62 22.03 17.41
CA SER B 51 -13.79 20.91 18.36
C SER B 51 -13.40 21.30 19.81
N ALA B 52 -12.91 22.55 20.05
CA ALA B 52 -12.54 22.97 21.42
C ALA B 52 -13.76 22.87 22.35
N THR B 53 -13.53 22.29 23.55
CA THR B 53 -14.61 22.06 24.50
C THR B 53 -13.97 21.88 25.89
N PRO B 54 -14.70 22.19 26.98
CA PRO B 54 -14.04 22.16 28.29
C PRO B 54 -13.71 20.78 28.81
N VAL B 55 -12.84 20.74 29.84
CA VAL B 55 -12.54 19.47 30.53
C VAL B 55 -13.84 18.90 31.10
N GLY B 56 -14.01 17.59 31.00
CA GLY B 56 -15.18 16.92 31.53
C GLY B 56 -16.37 16.89 30.56
N THR B 57 -16.14 17.31 29.30
CA THR B 57 -17.20 17.32 28.29
C THR B 57 -16.81 16.55 27.03
N ALA B 58 -17.82 16.32 26.15
CA ALA B 58 -17.55 15.68 24.87
C ALA B 58 -18.23 16.55 23.78
N LYS B 59 -17.55 16.68 22.63
CA LYS B 59 -18.12 17.46 21.52
C LYS B 59 -17.92 16.65 20.26
N THR B 60 -19.03 16.36 19.53
CA THR B 60 -18.90 15.52 18.33
C THR B 60 -18.83 16.36 17.07
N VAL B 61 -17.90 16.00 16.16
CA VAL B 61 -17.80 16.67 14.85
C VAL B 61 -17.95 15.58 13.79
N MET B 62 -18.94 15.70 12.87
CA MET B 62 -19.16 14.69 11.86
C MET B 62 -18.17 14.88 10.71
N CYS B 63 -17.65 13.76 10.18
CA CYS B 63 -16.82 13.77 8.98
C CYS B 63 -17.59 12.96 7.99
N GLY B 64 -18.47 13.63 7.21
CA GLY B 64 -19.39 12.92 6.34
C GLY B 64 -20.41 12.26 7.23
N THR B 65 -20.49 10.91 7.20
CA THR B 65 -21.40 10.21 8.12
C THR B 65 -20.64 9.60 9.32
N TYR B 66 -19.33 9.85 9.45
CA TYR B 66 -18.57 9.23 10.53
C TYR B 66 -18.41 10.22 11.70
N PRO B 67 -18.94 9.87 12.87
CA PRO B 67 -18.80 10.77 14.03
C PRO B 67 -17.49 10.61 14.80
N VAL B 68 -16.84 11.75 15.15
CA VAL B 68 -15.65 11.74 16.00
C VAL B 68 -16.10 12.48 17.26
N ILE B 69 -16.13 11.76 18.40
CA ILE B 69 -16.60 12.35 19.65
C ILE B 69 -15.34 12.77 20.41
N HIS B 70 -15.07 14.08 20.51
CA HIS B 70 -13.89 14.56 21.20
C HIS B 70 -14.20 14.60 22.70
N ALA B 71 -13.56 13.73 23.50
CA ALA B 71 -13.85 13.68 24.95
C ALA B 71 -12.64 14.19 25.69
N VAL B 72 -12.83 15.21 26.57
CA VAL B 72 -11.69 15.83 27.23
C VAL B 72 -11.57 15.40 28.68
N GLY B 73 -10.64 14.47 28.94
CA GLY B 73 -10.38 14.08 30.32
C GLY B 73 -9.43 15.09 30.95
N PRO B 74 -9.38 15.09 32.28
CA PRO B 74 -8.50 16.04 32.99
C PRO B 74 -7.04 15.63 32.86
N ASN B 75 -6.15 16.64 32.94
CA ASN B 75 -4.71 16.38 33.02
C ASN B 75 -4.38 16.35 34.52
N PHE B 76 -4.04 15.16 35.05
CA PHE B 76 -3.74 15.01 36.48
C PHE B 76 -2.45 15.74 36.91
N SER B 77 -1.67 16.28 35.95
CA SER B 77 -0.54 17.14 36.37
C SER B 77 -1.12 18.47 36.94
N ASN B 78 -2.35 18.89 36.48
CA ASN B 78 -2.97 20.17 36.87
C ASN B 78 -4.08 20.03 37.89
N TYR B 79 -4.88 18.95 37.78
CA TYR B 79 -5.99 18.72 38.71
C TYR B 79 -5.53 17.94 39.94
N THR B 80 -6.21 18.14 41.09
CA THR B 80 -5.95 17.28 42.24
C THR B 80 -6.58 15.91 41.98
N GLU B 81 -6.23 14.90 42.81
CA GLU B 81 -6.85 13.57 42.62
C GLU B 81 -8.39 13.66 42.76
N SER B 82 -8.85 14.45 43.74
CA SER B 82 -10.30 14.57 43.96
C SER B 82 -11.00 15.23 42.75
N GLU B 83 -10.49 16.42 42.34
CA GLU B 83 -11.21 17.11 41.25
C GLU B 83 -11.08 16.38 39.92
N GLY B 84 -9.91 15.78 39.69
CA GLY B 84 -9.69 15.04 38.46
C GLY B 84 -10.54 13.80 38.38
N ASP B 85 -10.78 13.14 39.54
CA ASP B 85 -11.61 11.91 39.51
C ASP B 85 -13.03 12.28 39.05
N ARG B 86 -13.55 13.43 39.55
CA ARG B 86 -14.89 13.88 39.15
C ARG B 86 -14.94 14.26 37.65
N GLU B 87 -13.90 14.96 37.13
CA GLU B 87 -13.93 15.36 35.71
C GLU B 87 -13.78 14.16 34.77
N LEU B 88 -13.01 13.14 35.22
CA LEU B 88 -12.81 11.95 34.38
C LEU B 88 -14.15 11.18 34.29
N ALA B 89 -14.85 11.05 35.43
CA ALA B 89 -16.17 10.40 35.40
C ALA B 89 -17.13 11.17 34.48
N ALA B 90 -17.10 12.52 34.56
CA ALA B 90 -17.99 13.37 33.79
C ALA B 90 -17.74 13.23 32.30
N ALA B 91 -16.43 13.19 31.88
CA ALA B 91 -16.13 13.08 30.44
C ALA B 91 -16.75 11.79 29.89
N TYR B 92 -16.60 10.67 30.65
CA TYR B 92 -17.19 9.42 30.15
C TYR B 92 -18.73 9.48 30.14
N ARG B 93 -19.38 10.13 31.15
CA ARG B 93 -20.85 10.25 31.10
C ARG B 93 -21.29 11.02 29.85
N GLU B 94 -20.53 12.06 29.43
N GLU B 94 -20.52 12.03 29.45
CA GLU B 94 -20.91 12.80 28.20
CA GLU B 94 -20.87 12.79 28.24
C GLU B 94 -20.70 11.93 26.97
C GLU B 94 -20.66 11.96 26.97
N VAL B 95 -19.65 11.05 26.97
CA VAL B 95 -19.46 10.14 25.83
C VAL B 95 -20.71 9.20 25.73
N ALA B 96 -21.20 8.67 26.88
CA ALA B 96 -22.39 7.79 26.83
C ALA B 96 -23.61 8.51 26.26
N LYS B 97 -23.81 9.79 26.64
CA LYS B 97 -24.93 10.56 26.09
C LYS B 97 -24.77 10.74 24.57
N GLU B 98 -23.53 11.04 24.10
CA GLU B 98 -23.32 11.25 22.66
C GLU B 98 -23.50 9.94 21.88
N VAL B 99 -22.96 8.82 22.41
CA VAL B 99 -23.13 7.53 21.71
C VAL B 99 -24.64 7.20 21.60
N THR B 100 -25.40 7.49 22.67
CA THR B 100 -26.86 7.18 22.63
C THR B 100 -27.54 8.10 21.58
N ARG B 101 -27.22 9.40 21.64
CA ARG B 101 -27.84 10.37 20.71
C ARG B 101 -27.57 10.00 19.24
N LEU B 102 -26.34 9.57 18.94
CA LEU B 102 -25.94 9.22 17.57
C LEU B 102 -26.63 7.97 17.03
N GLY B 103 -27.15 7.10 17.93
CA GLY B 103 -27.86 5.90 17.49
C GLY B 103 -26.96 4.83 16.90
N VAL B 104 -25.62 4.94 17.13
CA VAL B 104 -24.66 3.98 16.61
C VAL B 104 -24.84 2.62 17.29
N ASN B 105 -24.43 1.56 16.59
CA ASN B 105 -24.45 0.21 17.15
C ASN B 105 -23.09 -0.22 17.73
N SER B 106 -22.02 0.56 17.47
CA SER B 106 -20.70 0.26 18.01
C SER B 106 -19.91 1.56 18.16
N VAL B 107 -18.91 1.54 19.04
CA VAL B 107 -18.06 2.70 19.30
C VAL B 107 -16.68 2.22 19.70
N ALA B 108 -15.63 2.91 19.19
CA ALA B 108 -14.23 2.63 19.55
C ALA B 108 -13.85 3.68 20.60
N ILE B 109 -13.31 3.23 21.75
N ILE B 109 -13.38 3.23 21.79
CA ILE B 109 -12.99 4.17 22.81
CA ILE B 109 -13.05 4.15 22.89
C ILE B 109 -11.64 3.89 23.46
C ILE B 109 -11.66 3.89 23.46
N PRO B 110 -10.87 4.95 23.71
CA PRO B 110 -9.58 4.76 24.40
C PRO B 110 -9.74 5.00 25.92
N LEU B 111 -8.73 4.67 26.75
CA LEU B 111 -8.83 4.94 28.18
C LEU B 111 -8.37 6.38 28.44
N LEU B 112 -9.34 7.27 28.70
CA LEU B 112 -9.04 8.68 28.92
C LEU B 112 -8.12 8.88 30.14
N SER B 113 -7.27 9.91 30.05
CA SER B 113 -6.36 10.34 31.12
C SER B 113 -5.33 9.27 31.53
N THR B 114 -5.03 8.30 30.61
CA THR B 114 -4.03 7.27 30.95
C THR B 114 -2.65 7.48 30.31
N GLY B 115 -2.56 8.42 29.39
CA GLY B 115 -1.29 8.71 28.71
C GLY B 115 -0.62 9.94 29.31
N VAL B 116 -0.37 10.96 28.47
CA VAL B 116 0.30 12.19 28.94
C VAL B 116 -0.55 12.99 29.95
N TYR B 117 -1.86 12.69 30.09
CA TYR B 117 -2.65 13.37 31.14
C TYR B 117 -2.69 12.56 32.45
N SER B 118 -1.93 11.44 32.58
CA SER B 118 -2.00 10.63 33.81
C SER B 118 -1.29 11.22 35.02
N GLY B 119 -0.47 12.26 34.82
CA GLY B 119 0.31 12.80 35.92
C GLY B 119 1.37 11.81 36.39
N GLY B 120 1.81 10.91 35.49
CA GLY B 120 2.83 9.90 35.80
C GLY B 120 2.37 8.72 36.64
N LYS B 121 1.05 8.53 36.78
CA LYS B 121 0.49 7.43 37.56
C LYS B 121 -0.20 6.42 36.62
N ASP B 122 -0.25 5.13 37.05
CA ASP B 122 -0.95 4.07 36.32
C ASP B 122 -2.42 4.24 36.63
N ARG B 123 -3.24 4.66 35.64
CA ARG B 123 -4.69 4.91 35.85
C ARG B 123 -5.58 3.96 35.06
N LEU B 124 -5.07 2.75 34.71
CA LEU B 124 -5.89 1.78 33.97
C LEU B 124 -7.18 1.46 34.71
N THR B 125 -7.07 1.05 36.00
CA THR B 125 -8.28 0.66 36.72
C THR B 125 -9.26 1.81 36.95
N GLN B 126 -8.72 2.98 37.29
CA GLN B 126 -9.56 4.17 37.51
C GLN B 126 -10.33 4.54 36.24
N SER B 127 -9.60 4.63 35.12
CA SER B 127 -10.21 5.10 33.89
C SER B 127 -11.23 4.03 33.38
N LEU B 128 -10.85 2.75 33.44
CA LEU B 128 -11.76 1.68 32.98
C LEU B 128 -13.01 1.62 33.85
N ASN B 129 -12.85 1.85 35.17
CA ASN B 129 -14.01 1.85 36.07
C ASN B 129 -15.01 2.97 35.68
N HIS B 130 -14.48 4.17 35.36
CA HIS B 130 -15.39 5.25 35.00
C HIS B 130 -16.00 4.98 33.59
N LEU B 131 -15.25 4.29 32.72
CA LEU B 131 -15.77 3.96 31.38
C LEU B 131 -17.00 3.00 31.56
N PHE B 132 -16.81 1.94 32.36
CA PHE B 132 -17.94 1.02 32.58
C PHE B 132 -19.14 1.76 33.25
N THR B 133 -18.86 2.60 34.30
CA THR B 133 -19.98 3.28 35.00
C THR B 133 -20.85 4.07 34.02
N ALA B 134 -20.21 4.70 33.00
CA ALA B 134 -20.98 5.46 32.03
C ALA B 134 -21.60 4.58 30.93
N MET B 135 -20.82 3.60 30.40
CA MET B 135 -21.25 2.87 29.23
C MET B 135 -22.14 1.67 29.54
N ASP B 136 -22.18 1.19 30.81
CA ASP B 136 -22.97 -0.01 31.10
C ASP B 136 -24.44 0.10 30.70
N SER B 137 -25.03 1.30 30.83
CA SER B 137 -26.46 1.45 30.51
C SER B 137 -26.73 1.71 29.03
N THR B 138 -25.65 1.77 28.19
CA THR B 138 -25.87 1.93 26.75
C THR B 138 -25.95 0.54 26.10
N ASP B 139 -26.55 0.45 24.88
CA ASP B 139 -26.61 -0.84 24.20
C ASP B 139 -25.69 -0.96 22.98
N ALA B 140 -24.73 -0.05 22.83
CA ALA B 140 -23.79 -0.15 21.72
C ALA B 140 -22.73 -1.20 22.06
N ASP B 141 -22.16 -1.87 21.04
CA ASP B 141 -20.99 -2.71 21.27
C ASP B 141 -19.81 -1.75 21.52
N VAL B 142 -19.13 -1.89 22.65
CA VAL B 142 -18.00 -1.00 22.97
C VAL B 142 -16.69 -1.75 22.73
N VAL B 143 -15.77 -1.14 21.95
CA VAL B 143 -14.47 -1.75 21.72
C VAL B 143 -13.43 -0.81 22.28
N ILE B 144 -12.74 -1.23 23.34
CA ILE B 144 -11.73 -0.45 24.02
C ILE B 144 -10.39 -0.67 23.33
N TYR B 145 -9.67 0.42 23.02
CA TYR B 145 -8.38 0.30 22.34
C TYR B 145 -7.25 0.61 23.30
N CYS B 146 -6.14 -0.10 23.17
CA CYS B 146 -4.94 0.14 23.96
C CYS B 146 -3.71 -0.20 23.10
N ARG B 147 -2.49 0.11 23.58
CA ARG B 147 -1.29 -0.23 22.78
C ARG B 147 -0.35 -1.21 23.49
N ASP B 148 -0.44 -1.31 24.80
CA ASP B 148 0.47 -2.12 25.63
C ASP B 148 -0.06 -3.53 25.86
N LYS B 149 0.81 -4.56 25.70
CA LYS B 149 0.40 -5.95 25.87
C LYS B 149 -0.10 -6.27 27.27
N GLU B 150 0.56 -5.73 28.30
CA GLU B 150 0.13 -5.98 29.69
C GLU B 150 -1.22 -5.28 29.97
N TRP B 151 -1.41 -4.08 29.39
CA TRP B 151 -2.70 -3.37 29.56
C TRP B 151 -3.82 -4.16 28.85
N GLU B 152 -3.55 -4.71 27.65
CA GLU B 152 -4.57 -5.53 26.96
C GLU B 152 -5.03 -6.70 27.81
N LYS B 153 -4.07 -7.41 28.44
CA LYS B 153 -4.41 -8.55 29.30
C LYS B 153 -5.25 -8.11 30.50
N LYS B 154 -4.87 -6.99 31.16
CA LYS B 154 -5.63 -6.53 32.33
C LYS B 154 -7.02 -6.03 31.95
N ILE B 155 -7.16 -5.34 30.81
CA ILE B 155 -8.49 -4.86 30.38
C ILE B 155 -9.37 -6.07 30.04
N SER B 156 -8.78 -7.05 29.32
CA SER B 156 -9.52 -8.26 28.96
C SER B 156 -9.98 -9.02 30.21
N GLU B 157 -9.10 -9.13 31.22
CA GLU B 157 -9.47 -9.82 32.47
C GLU B 157 -10.63 -9.10 33.16
N ALA B 158 -10.57 -7.76 33.21
CA ALA B 158 -11.61 -6.98 33.85
C ALA B 158 -12.95 -7.17 33.12
N ILE B 159 -12.94 -7.20 31.78
CA ILE B 159 -14.21 -7.42 31.04
C ILE B 159 -14.78 -8.82 31.35
N GLN B 160 -13.90 -9.85 31.25
CA GLN B 160 -14.38 -11.22 31.43
C GLN B 160 -14.89 -11.52 32.82
N MET B 161 -14.31 -10.91 33.84
CA MET B 161 -14.71 -11.20 35.22
C MET B 161 -16.11 -10.74 35.57
N ARG B 162 -16.72 -9.85 34.77
CA ARG B 162 -18.02 -9.30 35.12
C ARG B 162 -19.21 -10.15 34.73
N THR B 163 -19.07 -11.17 33.86
CA THR B 163 -20.24 -12.02 33.57
C THR B 163 -19.93 -13.51 33.69
N GLY C 1 10.93 -25.20 -5.84
CA GLY C 1 10.00 -24.46 -6.68
C GLY C 1 9.30 -25.35 -7.70
N ALA C 2 8.18 -24.86 -8.28
CA ALA C 2 7.51 -25.62 -9.32
C ALA C 2 8.37 -25.62 -10.58
N MET C 3 8.34 -26.71 -11.39
CA MET C 3 9.18 -26.78 -12.59
C MET C 3 8.84 -25.71 -13.66
N ALA C 4 7.57 -25.32 -13.77
CA ALA C 4 7.12 -24.28 -14.71
C ALA C 4 6.07 -23.49 -13.94
N PRO C 5 6.52 -22.60 -13.05
CA PRO C 5 5.57 -21.86 -12.17
C PRO C 5 4.39 -21.27 -12.92
N SER C 6 3.17 -21.54 -12.43
CA SER C 6 1.95 -21.07 -13.10
C SER C 6 0.97 -20.39 -12.15
N TYR C 7 -0.06 -19.76 -12.76
CA TYR C 7 -1.24 -19.25 -12.07
C TYR C 7 -2.45 -20.03 -12.60
N ARG C 8 -3.34 -20.40 -11.69
CA ARG C 8 -4.61 -21.03 -12.06
C ARG C 8 -5.72 -20.46 -11.19
N VAL C 9 -6.97 -20.59 -11.62
CA VAL C 9 -8.10 -20.14 -10.78
C VAL C 9 -9.11 -21.28 -10.64
N LYS C 10 -9.66 -21.46 -9.42
CA LYS C 10 -10.67 -22.49 -9.16
C LYS C 10 -11.85 -21.86 -8.46
N ARG C 11 -13.07 -22.26 -8.85
CA ARG C 11 -14.28 -21.77 -8.21
C ARG C 11 -14.73 -22.88 -7.23
N MET C 12 -14.25 -22.78 -5.98
CA MET C 12 -14.53 -23.77 -4.93
C MET C 12 -14.07 -23.25 -3.58
N ASP C 13 -14.44 -23.99 -2.51
CA ASP C 13 -14.10 -23.62 -1.14
C ASP C 13 -12.59 -23.80 -0.94
N ILE C 14 -11.89 -22.71 -0.58
CA ILE C 14 -10.45 -22.74 -0.32
C ILE C 14 -10.07 -23.67 0.84
N ALA C 15 -11.04 -23.95 1.74
CA ALA C 15 -10.77 -24.90 2.84
C ALA C 15 -10.57 -26.34 2.31
N LYS C 16 -10.90 -26.60 1.04
N LYS C 16 -10.91 -26.63 1.03
CA LYS C 16 -10.77 -27.89 0.39
CA LYS C 16 -10.68 -27.96 0.46
C LYS C 16 -9.68 -27.83 -0.71
C LYS C 16 -9.64 -27.88 -0.67
N ASN C 17 -8.69 -26.93 -0.59
CA ASN C 17 -7.65 -26.77 -1.61
C ASN C 17 -6.75 -28.01 -1.76
N ASP C 18 -6.05 -28.08 -2.90
CA ASP C 18 -5.13 -29.18 -3.23
C ASP C 18 -3.68 -28.68 -3.29
N GLU C 19 -3.35 -27.63 -2.50
CA GLU C 19 -2.04 -27.04 -2.50
C GLU C 19 -1.28 -27.29 -1.17
N GLU C 20 0.02 -26.93 -1.17
CA GLU C 20 0.89 -27.22 -0.01
C GLU C 20 0.71 -26.28 1.18
N CYS C 21 0.01 -25.16 0.96
CA CYS C 21 -0.30 -24.22 2.04
C CYS C 21 -1.46 -23.34 1.62
N VAL C 22 -2.05 -22.62 2.61
CA VAL C 22 -3.20 -21.77 2.31
C VAL C 22 -2.96 -20.36 2.85
N VAL C 23 -3.55 -19.37 2.17
CA VAL C 23 -3.57 -17.98 2.66
C VAL C 23 -4.97 -17.73 3.20
N ASN C 24 -5.04 -17.29 4.48
CA ASN C 24 -6.32 -16.94 5.09
C ASN C 24 -6.53 -15.41 4.93
N ALA C 25 -7.72 -14.97 4.54
CA ALA C 25 -8.04 -13.52 4.43
C ALA C 25 -8.45 -13.17 5.87
N ALA C 26 -7.44 -12.91 6.68
CA ALA C 26 -7.55 -12.78 8.13
C ALA C 26 -7.92 -11.40 8.65
N ASN C 27 -8.27 -11.29 9.97
CA ASN C 27 -8.52 -9.98 10.59
C ASN C 27 -7.33 -9.70 11.58
N PRO C 28 -7.05 -8.42 11.91
CA PRO C 28 -5.89 -8.12 12.77
C PRO C 28 -5.87 -8.80 14.13
N ARG C 29 -7.03 -9.14 14.70
CA ARG C 29 -7.11 -9.73 16.06
C ARG C 29 -6.93 -11.26 16.07
N GLY C 30 -6.97 -11.92 14.91
CA GLY C 30 -6.79 -13.36 14.84
C GLY C 30 -8.01 -14.16 15.27
N LEU C 31 -9.19 -13.57 15.05
CA LEU C 31 -10.48 -14.15 15.40
C LEU C 31 -11.07 -14.98 14.24
N PRO C 32 -12.06 -15.87 14.57
CA PRO C 32 -12.70 -16.68 13.52
C PRO C 32 -13.27 -15.90 12.31
N GLY C 33 -13.80 -14.71 12.56
CA GLY C 33 -14.30 -13.85 11.49
C GLY C 33 -15.47 -14.34 10.67
N ASP C 34 -15.50 -13.94 9.37
CA ASP C 34 -16.58 -14.26 8.42
C ASP C 34 -15.99 -14.73 7.06
N GLY C 35 -16.86 -15.23 6.17
CA GLY C 35 -16.47 -15.67 4.84
C GLY C 35 -15.33 -16.66 4.81
N VAL C 36 -14.26 -16.34 4.03
CA VAL C 36 -13.07 -17.20 3.92
C VAL C 36 -12.49 -17.50 5.29
N CYS C 37 -12.35 -16.46 6.13
CA CYS C 37 -11.78 -16.56 7.46
C CYS C 37 -12.49 -17.60 8.34
N LYS C 38 -13.83 -17.61 8.31
CA LYS C 38 -14.62 -18.58 9.07
C LYS C 38 -14.47 -20.02 8.53
N ALA C 39 -14.38 -20.18 7.19
CA ALA C 39 -14.17 -21.50 6.58
C ALA C 39 -12.79 -22.06 7.00
N VAL C 40 -11.77 -21.17 7.02
CA VAL C 40 -10.40 -21.51 7.41
C VAL C 40 -10.38 -21.87 8.91
N TYR C 41 -11.14 -21.14 9.74
CA TYR C 41 -11.20 -21.45 11.17
C TYR C 41 -11.80 -22.82 11.41
N LYS C 42 -12.83 -23.20 10.66
CA LYS C 42 -13.46 -24.50 10.85
C LYS C 42 -12.54 -25.65 10.43
N LYS C 43 -11.75 -25.43 9.36
CA LYS C 43 -10.86 -26.47 8.85
C LYS C 43 -9.51 -26.59 9.61
N TRP C 44 -8.91 -25.44 9.98
CA TRP C 44 -7.59 -25.41 10.63
C TRP C 44 -7.63 -24.54 11.90
N PRO C 45 -8.47 -24.90 12.89
CA PRO C 45 -8.60 -24.05 14.09
C PRO C 45 -7.29 -23.82 14.86
N GLU C 46 -6.45 -24.85 14.90
CA GLU C 46 -5.18 -24.79 15.60
C GLU C 46 -4.26 -23.69 15.06
N SER C 47 -4.41 -23.34 13.77
CA SER C 47 -3.56 -22.30 13.18
C SER C 47 -3.91 -20.89 13.67
N PHE C 48 -4.95 -20.74 14.52
CA PHE C 48 -5.38 -19.45 15.05
C PHE C 48 -4.71 -19.13 16.43
N LYS C 49 -3.85 -20.03 16.95
CA LYS C 49 -3.12 -19.78 18.19
C LYS C 49 -2.11 -18.66 17.90
N ASN C 50 -2.26 -17.49 18.55
CA ASN C 50 -1.34 -16.36 18.38
C ASN C 50 -1.19 -15.93 16.91
N SER C 51 -2.31 -15.91 16.17
CA SER C 51 -2.26 -15.52 14.75
C SER C 51 -2.53 -14.04 14.50
N ALA C 52 -2.79 -13.25 15.57
CA ALA C 52 -3.04 -11.81 15.38
C ALA C 52 -1.81 -11.15 14.74
N THR C 53 -2.02 -10.29 13.75
CA THR C 53 -0.97 -9.59 13.03
C THR C 53 -1.58 -8.29 12.43
N PRO C 54 -0.81 -7.19 12.32
CA PRO C 54 -1.43 -5.91 11.91
C PRO C 54 -1.86 -5.87 10.44
N VAL C 55 -2.66 -4.86 10.09
CA VAL C 55 -3.05 -4.64 8.68
C VAL C 55 -1.79 -4.45 7.84
N GLY C 56 -1.78 -5.05 6.65
CA GLY C 56 -0.66 -4.94 5.72
C GLY C 56 0.43 -5.97 5.95
N THR C 57 0.21 -6.93 6.88
CA THR C 57 1.20 -7.96 7.20
C THR C 57 0.65 -9.37 7.01
N ALA C 58 1.53 -10.39 7.11
CA ALA C 58 1.13 -11.77 7.05
C ALA C 58 1.87 -12.52 8.16
N LYS C 59 1.19 -13.48 8.82
CA LYS C 59 1.82 -14.27 9.89
C LYS C 59 1.44 -15.73 9.67
N THR C 60 2.43 -16.63 9.59
CA THR C 60 2.12 -18.05 9.35
C THR C 60 2.05 -18.84 10.63
N VAL C 61 1.00 -19.65 10.77
CA VAL C 61 0.89 -20.54 11.93
C VAL C 61 0.59 -21.92 11.39
N MET C 62 1.28 -22.95 11.89
N MET C 62 1.29 -22.94 11.88
CA MET C 62 1.09 -24.33 11.42
CA MET C 62 1.07 -24.31 11.40
C MET C 62 -0.09 -25.01 12.07
C MET C 62 -0.18 -24.91 12.03
N CYS C 63 -0.85 -25.80 11.27
CA CYS C 63 -1.92 -26.64 11.78
C CYS C 63 -1.35 -28.03 11.51
N GLY C 64 -0.77 -28.69 12.52
CA GLY C 64 -0.02 -29.92 12.28
C GLY C 64 1.27 -29.52 11.59
N THR C 65 1.50 -29.95 10.34
CA THR C 65 2.61 -29.47 9.55
C THR C 65 2.09 -28.59 8.34
N TYR C 66 0.77 -28.31 8.28
CA TYR C 66 0.19 -27.61 7.14
C TYR C 66 0.22 -26.11 7.44
N PRO C 67 0.93 -25.29 6.62
CA PRO C 67 1.02 -23.87 6.96
C PRO C 67 -0.21 -23.09 6.56
N VAL C 68 -0.68 -22.21 7.50
CA VAL C 68 -1.76 -21.29 7.20
C VAL C 68 -1.15 -19.90 7.30
N ILE C 69 -1.14 -19.15 6.18
CA ILE C 69 -0.54 -17.81 6.16
C ILE C 69 -1.66 -16.81 6.37
N HIS C 70 -1.73 -16.19 7.57
CA HIS C 70 -2.82 -15.25 7.85
C HIS C 70 -2.42 -13.88 7.29
N ALA C 71 -3.09 -13.44 6.22
CA ALA C 71 -2.76 -12.16 5.55
C ALA C 71 -3.85 -11.15 5.82
N VAL C 72 -3.48 -9.99 6.38
CA VAL C 72 -4.49 -9.02 6.76
C VAL C 72 -4.55 -7.85 5.78
N GLY C 73 -5.52 -7.88 4.89
CA GLY C 73 -5.72 -6.76 3.98
C GLY C 73 -6.51 -5.70 4.73
N PRO C 74 -6.49 -4.48 4.21
CA PRO C 74 -7.26 -3.39 4.85
C PRO C 74 -8.76 -3.56 4.64
N ASN C 75 -9.55 -3.02 5.57
CA ASN C 75 -10.99 -2.98 5.41
C ASN C 75 -11.29 -1.61 4.82
N PHE C 76 -11.73 -1.59 3.55
CA PHE C 76 -11.99 -0.30 2.87
C PHE C 76 -13.19 0.46 3.42
N SER C 77 -13.96 -0.11 4.38
CA SER C 77 -15.01 0.69 5.04
C SER C 77 -14.38 1.79 5.90
N ASN C 78 -13.18 1.54 6.39
CA ASN C 78 -12.46 2.32 7.35
C ASN C 78 -11.34 3.15 6.67
N TYR C 79 -10.59 2.49 5.77
CA TYR C 79 -9.45 3.11 5.09
C TYR C 79 -9.89 3.94 3.89
N THR C 80 -9.12 4.96 3.56
CA THR C 80 -9.40 5.73 2.33
C THR C 80 -8.89 4.88 1.16
N GLU C 81 -9.28 5.25 -0.09
CA GLU C 81 -8.75 4.51 -1.25
C GLU C 81 -7.22 4.57 -1.31
N SER C 82 -6.67 5.77 -1.00
CA SER C 82 -5.21 5.93 -1.06
C SER C 82 -4.48 5.06 -0.02
N GLU C 83 -4.90 5.18 1.26
CA GLU C 83 -4.17 4.43 2.31
C GLU C 83 -4.38 2.92 2.15
N GLY C 84 -5.61 2.56 1.83
CA GLY C 84 -5.95 1.14 1.66
C GLY C 84 -5.19 0.51 0.50
N ASP C 85 -4.99 1.28 -0.60
CA ASP C 85 -4.28 0.70 -1.76
C ASP C 85 -2.86 0.31 -1.34
N ARG C 86 -2.21 1.17 -0.56
CA ARG C 86 -0.86 0.88 -0.09
C ARG C 86 -0.81 -0.36 0.84
N GLU C 87 -1.78 -0.46 1.77
CA GLU C 87 -1.78 -1.60 2.71
C GLU C 87 -2.12 -2.93 1.99
N LEU C 88 -2.98 -2.87 0.97
CA LEU C 88 -3.36 -4.10 0.23
C LEU C 88 -2.13 -4.61 -0.51
N ALA C 89 -1.37 -3.68 -1.16
CA ALA C 89 -0.13 -4.10 -1.84
C ALA C 89 0.85 -4.73 -0.84
N ALA C 90 0.97 -4.12 0.34
CA ALA C 90 1.90 -4.58 1.37
C ALA C 90 1.53 -5.98 1.88
N ALA C 91 0.20 -6.26 2.07
CA ALA C 91 -0.22 -7.59 2.58
C ALA C 91 0.21 -8.65 1.57
N TYR C 92 0.02 -8.37 0.25
CA TYR C 92 0.46 -9.36 -0.75
C TYR C 92 1.98 -9.55 -0.76
N ARG C 93 2.75 -8.46 -0.59
N ARG C 93 2.75 -8.46 -0.59
CA ARG C 93 4.21 -8.58 -0.54
CA ARG C 93 4.21 -8.58 -0.54
C ARG C 93 4.65 -9.47 0.64
C ARG C 93 4.64 -9.49 0.63
N GLU C 94 3.93 -9.39 1.77
CA GLU C 94 4.27 -10.22 2.92
C GLU C 94 3.85 -11.68 2.65
N VAL C 95 2.77 -11.90 1.86
CA VAL C 95 2.42 -13.31 1.50
C VAL C 95 3.55 -13.90 0.64
N ALA C 96 4.10 -13.10 -0.30
CA ALA C 96 5.20 -13.61 -1.16
C ALA C 96 6.41 -14.01 -0.32
N LYS C 97 6.75 -13.17 0.70
CA LYS C 97 7.89 -13.47 1.58
C LYS C 97 7.60 -14.78 2.36
N GLU C 98 6.36 -14.94 2.87
CA GLU C 98 6.07 -16.16 3.65
C GLU C 98 6.08 -17.43 2.79
N VAL C 99 5.48 -17.34 1.57
CA VAL C 99 5.51 -18.50 0.66
C VAL C 99 6.96 -18.88 0.33
N THR C 100 7.83 -17.85 0.13
CA THR C 100 9.24 -18.13 -0.19
C THR C 100 9.94 -18.78 1.02
N ARG C 101 9.73 -18.20 2.21
CA ARG C 101 10.37 -18.71 3.44
C ARG C 101 10.01 -20.18 3.69
N LEU C 102 8.73 -20.53 3.43
CA LEU C 102 8.27 -21.90 3.67
C LEU C 102 8.85 -22.93 2.69
N GLY C 103 9.30 -22.48 1.52
CA GLY C 103 9.88 -23.41 0.54
C GLY C 103 8.85 -24.26 -0.19
N VAL C 104 7.56 -23.93 -0.07
CA VAL C 104 6.47 -24.68 -0.71
C VAL C 104 6.51 -24.58 -2.23
N ASN C 105 5.94 -25.61 -2.89
CA ASN C 105 5.86 -25.60 -4.35
C ASN C 105 4.52 -25.08 -4.86
N SER C 106 3.53 -24.89 -3.97
CA SER C 106 2.22 -24.39 -4.38
C SER C 106 1.54 -23.70 -3.20
N VAL C 107 0.61 -22.77 -3.52
CA VAL C 107 -0.11 -22.03 -2.49
C VAL C 107 -1.53 -21.74 -2.99
N ALA C 108 -2.54 -21.87 -2.10
CA ALA C 108 -3.93 -21.53 -2.40
C ALA C 108 -4.17 -20.13 -1.82
N ILE C 109 -4.63 -19.18 -2.67
N ILE C 109 -4.75 -19.23 -2.63
CA ILE C 109 -4.81 -17.78 -2.21
CA ILE C 109 -4.91 -17.86 -2.16
C ILE C 109 -6.17 -17.22 -2.60
C ILE C 109 -6.23 -17.27 -2.58
N PRO C 110 -6.83 -16.48 -1.67
CA PRO C 110 -8.08 -15.80 -2.03
C PRO C 110 -7.73 -14.34 -2.45
N LEU C 111 -8.69 -13.61 -3.06
CA LEU C 111 -8.41 -12.19 -3.39
C LEU C 111 -8.69 -11.35 -2.13
N LEU C 112 -7.61 -10.82 -1.52
CA LEU C 112 -7.74 -10.06 -0.29
C LEU C 112 -8.55 -8.78 -0.50
N SER C 113 -9.24 -8.34 0.57
CA SER C 113 -10.02 -7.11 0.58
C SER C 113 -11.16 -7.07 -0.47
N THR C 114 -11.64 -8.27 -0.96
CA THR C 114 -12.76 -8.27 -1.93
C THR C 114 -14.15 -8.69 -1.37
N GLY C 115 -14.19 -9.10 -0.11
CA GLY C 115 -15.46 -9.53 0.51
C GLY C 115 -15.98 -8.50 1.49
N VAL C 116 -16.15 -8.89 2.77
CA VAL C 116 -16.63 -7.95 3.78
C VAL C 116 -15.67 -6.76 3.97
N TYR C 117 -14.40 -6.87 3.54
CA TYR C 117 -13.46 -5.73 3.65
C TYR C 117 -13.45 -4.86 2.38
N SER C 118 -14.33 -5.13 1.40
CA SER C 118 -14.31 -4.36 0.15
C SER C 118 -14.89 -2.94 0.22
N GLY C 119 -15.57 -2.63 1.31
CA GLY C 119 -16.25 -1.35 1.43
C GLY C 119 -17.37 -1.15 0.42
N GLY C 120 -17.95 -2.27 -0.03
CA GLY C 120 -19.04 -2.28 -1.00
C GLY C 120 -18.65 -2.01 -2.43
N LYS C 121 -17.34 -2.07 -2.75
CA LYS C 121 -16.85 -1.82 -4.11
C LYS C 121 -16.33 -3.12 -4.75
N ASP C 122 -16.38 -3.21 -6.09
CA ASP C 122 -15.84 -4.37 -6.82
C ASP C 122 -14.34 -4.14 -6.90
N ARG C 123 -13.54 -4.98 -6.21
CA ARG C 123 -12.08 -4.83 -6.19
C ARG C 123 -11.33 -6.00 -6.83
N LEU C 124 -12.00 -6.74 -7.74
CA LEU C 124 -11.33 -7.87 -8.40
C LEU C 124 -10.02 -7.45 -9.09
N THR C 125 -10.08 -6.44 -9.99
CA THR C 125 -8.89 -6.04 -10.74
C THR C 125 -7.81 -5.46 -9.83
N GLN C 126 -8.24 -4.63 -8.87
CA GLN C 126 -7.25 -4.05 -7.94
C GLN C 126 -6.50 -5.14 -7.14
N SER C 127 -7.29 -6.04 -6.55
CA SER C 127 -6.69 -7.05 -5.68
C SER C 127 -5.82 -8.01 -6.51
N LEU C 128 -6.34 -8.43 -7.67
CA LEU C 128 -5.57 -9.35 -8.53
C LEU C 128 -4.29 -8.71 -9.04
N ASN C 129 -4.33 -7.40 -9.36
CA ASN C 129 -3.11 -6.69 -9.79
C ASN C 129 -2.05 -6.71 -8.67
N HIS C 130 -2.48 -6.45 -7.41
CA HIS C 130 -1.50 -6.46 -6.31
C HIS C 130 -0.97 -7.90 -6.08
N LEU C 131 -1.84 -8.91 -6.31
CA LEU C 131 -1.43 -10.30 -6.12
C LEU C 131 -0.31 -10.63 -7.14
N PHE C 132 -0.51 -10.27 -8.41
CA PHE C 132 0.50 -10.52 -9.44
C PHE C 132 1.78 -9.75 -9.15
N THR C 133 1.68 -8.47 -8.72
CA THR C 133 2.90 -7.68 -8.47
C THR C 133 3.79 -8.36 -7.41
N ALA C 134 3.16 -8.97 -6.39
CA ALA C 134 3.93 -9.64 -5.32
C ALA C 134 4.37 -11.05 -5.71
N MET C 135 3.46 -11.83 -6.35
CA MET C 135 3.74 -13.24 -6.58
C MET C 135 4.51 -13.54 -7.87
N ASP C 136 4.56 -12.60 -8.83
CA ASP C 136 5.26 -12.89 -10.09
C ASP C 136 6.71 -13.35 -9.92
N SER C 137 7.42 -12.80 -8.90
CA SER C 137 8.81 -13.17 -8.70
C SER C 137 9.00 -14.43 -7.87
N THR C 138 7.90 -15.08 -7.43
CA THR C 138 8.02 -16.35 -6.71
C THR C 138 7.93 -17.50 -7.71
N ASP C 139 8.43 -18.70 -7.33
CA ASP C 139 8.35 -19.86 -8.19
C ASP C 139 7.33 -20.91 -7.74
N ALA C 140 6.45 -20.57 -6.79
CA ALA C 140 5.40 -21.48 -6.40
C ALA C 140 4.27 -21.47 -7.43
N ASP C 141 3.57 -22.62 -7.62
CA ASP C 141 2.35 -22.63 -8.40
C ASP C 141 1.29 -21.90 -7.54
N VAL C 142 0.59 -20.91 -8.10
CA VAL C 142 -0.38 -20.15 -7.34
C VAL C 142 -1.76 -20.54 -7.83
N VAL C 143 -2.67 -20.90 -6.91
CA VAL C 143 -4.04 -21.27 -7.27
C VAL C 143 -4.96 -20.33 -6.56
N ILE C 144 -5.64 -19.48 -7.32
CA ILE C 144 -6.55 -18.48 -6.76
C ILE C 144 -7.93 -19.06 -6.61
N TYR C 145 -8.54 -18.91 -5.42
CA TYR C 145 -9.87 -19.47 -5.17
C TYR C 145 -10.92 -18.38 -5.12
N CYS C 146 -12.07 -18.61 -5.78
CA CYS C 146 -13.17 -17.65 -5.77
C CYS C 146 -14.50 -18.46 -5.66
N ARG C 147 -15.64 -17.76 -5.48
CA ARG C 147 -16.92 -18.45 -5.39
C ARG C 147 -17.91 -18.08 -6.50
N ASP C 148 -17.71 -16.93 -7.14
CA ASP C 148 -18.63 -16.40 -8.16
C ASP C 148 -18.23 -16.78 -9.57
N LYS C 149 -19.20 -17.22 -10.40
CA LYS C 149 -18.92 -17.66 -11.77
C LYS C 149 -18.36 -16.53 -12.66
N GLU C 150 -18.88 -15.31 -12.51
CA GLU C 150 -18.39 -14.19 -13.31
C GLU C 150 -16.96 -13.80 -12.88
N TRP C 151 -16.68 -13.89 -11.58
CA TRP C 151 -15.31 -13.59 -11.09
C TRP C 151 -14.33 -14.64 -11.59
N GLU C 152 -14.75 -15.93 -11.64
CA GLU C 152 -13.88 -16.98 -12.16
C GLU C 152 -13.47 -16.69 -13.62
N LYS C 153 -14.44 -16.28 -14.44
CA LYS C 153 -14.17 -15.97 -15.84
C LYS C 153 -13.21 -14.77 -15.97
N LYS C 154 -13.45 -13.70 -15.21
CA LYS C 154 -12.59 -12.51 -15.27
C LYS C 154 -11.16 -12.79 -14.79
N ILE C 155 -11.02 -13.57 -13.72
CA ILE C 155 -9.68 -13.92 -13.22
C ILE C 155 -8.96 -14.80 -14.25
N SER C 156 -9.69 -15.77 -14.83
CA SER C 156 -9.10 -16.66 -15.83
C SER C 156 -8.63 -15.85 -17.04
N GLU C 157 -9.44 -14.86 -17.48
CA GLU C 157 -9.07 -14.04 -18.64
C GLU C 157 -7.80 -13.25 -18.35
N ALA C 158 -7.70 -12.70 -17.13
CA ALA C 158 -6.53 -11.92 -16.73
C ALA C 158 -5.27 -12.79 -16.71
N ILE C 159 -5.36 -14.04 -16.21
CA ILE C 159 -4.21 -14.94 -16.20
C ILE C 159 -3.78 -15.26 -17.64
N GLN C 160 -4.74 -15.63 -18.49
CA GLN C 160 -4.43 -16.05 -19.86
C GLN C 160 -3.89 -14.93 -20.73
N MET C 161 -4.30 -13.68 -20.50
CA MET C 161 -3.81 -12.54 -21.32
C MET C 161 -2.30 -12.36 -21.24
N ARG C 162 -1.68 -12.74 -20.10
CA ARG C 162 -0.24 -12.55 -19.89
C ARG C 162 0.63 -13.69 -20.42
N THR C 163 0.02 -14.83 -20.78
CA THR C 163 0.79 -16.00 -21.24
C THR C 163 1.16 -15.91 -22.73
N PRO D 5 39.19 -18.78 -18.50
CA PRO D 5 38.28 -17.82 -19.15
C PRO D 5 38.81 -16.38 -19.05
N SER D 6 38.30 -15.50 -19.89
N SER D 6 38.33 -15.46 -19.94
CA SER D 6 38.67 -14.09 -19.85
CA SER D 6 38.75 -14.05 -19.94
C SER D 6 37.46 -13.27 -19.47
C SER D 6 37.54 -13.14 -19.72
N TYR D 7 37.69 -12.06 -18.93
CA TYR D 7 36.57 -11.20 -18.56
C TYR D 7 36.72 -9.80 -19.05
N ARG D 8 35.63 -9.24 -19.54
N ARG D 8 35.63 -9.25 -19.56
CA ARG D 8 35.56 -7.86 -19.98
CA ARG D 8 35.54 -7.87 -20.02
C ARG D 8 34.22 -7.26 -19.53
C ARG D 8 34.22 -7.27 -19.52
N VAL D 9 34.14 -5.93 -19.46
CA VAL D 9 32.91 -5.27 -19.10
C VAL D 9 32.54 -4.24 -20.16
N LYS D 10 31.24 -4.14 -20.50
CA LYS D 10 30.77 -3.15 -21.45
C LYS D 10 29.57 -2.43 -20.87
N ARG D 11 29.52 -1.09 -21.05
CA ARG D 11 28.39 -0.30 -20.59
C ARG D 11 27.48 -0.05 -21.80
N MET D 12 26.51 -0.95 -21.99
CA MET D 12 25.57 -0.86 -23.11
C MET D 12 24.44 -1.89 -22.93
N ASP D 13 23.42 -1.79 -23.81
CA ASP D 13 22.27 -2.67 -23.75
C ASP D 13 22.70 -4.08 -24.15
N ILE D 14 22.52 -5.05 -23.24
CA ILE D 14 22.87 -6.47 -23.51
C ILE D 14 22.11 -7.05 -24.71
N ALA D 15 20.96 -6.45 -25.08
CA ALA D 15 20.21 -6.91 -26.27
C ALA D 15 21.02 -6.63 -27.56
N LYS D 16 22.06 -5.77 -27.50
CA LYS D 16 22.92 -5.46 -28.67
C LYS D 16 24.32 -6.07 -28.46
N ASN D 17 24.45 -7.17 -27.68
CA ASN D 17 25.75 -7.77 -27.43
C ASN D 17 26.44 -8.31 -28.69
N ASP D 18 27.77 -8.48 -28.61
CA ASP D 18 28.57 -8.99 -29.74
C ASP D 18 29.12 -10.38 -29.39
N GLU D 19 28.36 -11.19 -28.59
CA GLU D 19 28.77 -12.51 -28.17
C GLU D 19 27.92 -13.63 -28.79
N GLU D 20 28.38 -14.89 -28.62
CA GLU D 20 27.70 -16.04 -29.23
C GLU D 20 26.39 -16.47 -28.58
N CYS D 21 26.15 -16.00 -27.36
CA CYS D 21 24.92 -16.30 -26.65
C CYS D 21 24.72 -15.25 -25.55
N VAL D 22 23.49 -15.21 -25.01
CA VAL D 22 23.18 -14.22 -23.98
C VAL D 22 22.54 -14.90 -22.78
N VAL D 23 22.79 -14.34 -21.60
CA VAL D 23 22.13 -14.76 -20.36
C VAL D 23 21.06 -13.70 -20.06
N ASN D 24 19.81 -14.15 -19.91
CA ASN D 24 18.72 -13.25 -19.55
C ASN D 24 18.61 -13.25 -18.01
N ALA D 25 18.35 -12.06 -17.40
CA ALA D 25 18.08 -11.97 -15.96
C ALA D 25 16.56 -12.19 -15.87
N ALA D 26 16.17 -13.46 -15.89
CA ALA D 26 14.78 -13.86 -16.06
C ALA D 26 13.95 -13.89 -14.76
N ASN D 27 12.61 -13.95 -14.90
CA ASN D 27 11.73 -14.20 -13.76
C ASN D 27 11.32 -15.70 -13.87
N PRO D 28 10.84 -16.28 -12.78
CA PRO D 28 10.55 -17.72 -12.81
C PRO D 28 9.41 -18.13 -13.73
N ARG D 29 8.54 -17.17 -14.10
CA ARG D 29 7.33 -17.49 -14.87
C ARG D 29 7.46 -17.29 -16.38
N GLY D 30 8.64 -16.89 -16.82
CA GLY D 30 8.86 -16.65 -18.24
C GLY D 30 8.07 -15.47 -18.77
N LEU D 31 7.78 -14.47 -17.87
CA LEU D 31 7.04 -13.28 -18.31
C LEU D 31 8.03 -12.24 -18.93
N PRO D 32 7.55 -11.27 -19.72
CA PRO D 32 8.44 -10.23 -20.28
C PRO D 32 9.24 -9.42 -19.25
N GLY D 33 8.66 -9.18 -18.06
CA GLY D 33 9.37 -8.51 -16.99
C GLY D 33 9.78 -7.06 -17.19
N ASP D 34 10.90 -6.66 -16.56
CA ASP D 34 11.44 -5.31 -16.55
C ASP D 34 12.97 -5.30 -16.80
N GLY D 35 13.53 -4.12 -17.05
CA GLY D 35 14.97 -3.96 -17.23
C GLY D 35 15.56 -4.86 -18.31
N VAL D 36 16.59 -5.63 -17.96
CA VAL D 36 17.27 -6.53 -18.96
C VAL D 36 16.31 -7.61 -19.47
N CYS D 37 15.35 -8.08 -18.66
CA CYS D 37 14.40 -9.10 -19.10
C CYS D 37 13.49 -8.57 -20.21
N LYS D 38 13.03 -7.31 -20.06
CA LYS D 38 12.17 -6.69 -21.07
C LYS D 38 12.92 -6.43 -22.38
N ALA D 39 14.21 -6.03 -22.26
CA ALA D 39 15.02 -5.78 -23.46
C ALA D 39 15.25 -7.12 -24.22
N VAL D 40 15.47 -8.20 -23.47
CA VAL D 40 15.68 -9.53 -24.04
C VAL D 40 14.37 -10.00 -24.70
N TYR D 41 13.20 -9.71 -24.07
CA TYR D 41 11.92 -10.10 -24.66
C TYR D 41 11.70 -9.37 -25.99
N LYS D 42 12.05 -8.09 -26.07
CA LYS D 42 11.84 -7.34 -27.31
C LYS D 42 12.76 -7.85 -28.44
N LYS D 43 13.99 -8.23 -28.08
CA LYS D 43 14.98 -8.68 -29.08
C LYS D 43 14.82 -10.14 -29.53
N TRP D 44 14.52 -11.04 -28.57
CA TRP D 44 14.42 -12.47 -28.83
C TRP D 44 13.11 -13.05 -28.24
N PRO D 45 11.93 -12.56 -28.68
CA PRO D 45 10.68 -13.04 -28.07
C PRO D 45 10.45 -14.53 -28.21
N GLU D 46 10.93 -15.13 -29.32
CA GLU D 46 10.74 -16.57 -29.55
C GLU D 46 11.42 -17.42 -28.47
N SER D 47 12.45 -16.84 -27.79
CA SER D 47 13.14 -17.58 -26.74
C SER D 47 12.32 -17.70 -25.46
N PHE D 48 11.13 -17.06 -25.39
CA PHE D 48 10.31 -17.17 -24.17
C PHE D 48 9.26 -18.32 -24.26
N LYS D 49 9.36 -19.17 -25.29
CA LYS D 49 8.45 -20.32 -25.39
C LYS D 49 8.90 -21.34 -24.34
N ASN D 50 8.07 -21.58 -23.31
CA ASN D 50 8.41 -22.54 -22.26
C ASN D 50 9.74 -22.22 -21.58
N SER D 51 9.98 -20.93 -21.31
CA SER D 51 11.21 -20.53 -20.62
C SER D 51 11.03 -20.50 -19.09
N ALA D 52 9.81 -20.68 -18.56
CA ALA D 52 9.57 -20.67 -17.10
C ALA D 52 10.47 -21.73 -16.44
N THR D 53 11.11 -21.38 -15.32
CA THR D 53 12.03 -22.31 -14.64
C THR D 53 12.17 -21.80 -13.19
N PRO D 54 12.50 -22.68 -12.24
CA PRO D 54 12.52 -22.20 -10.84
C PRO D 54 13.68 -21.26 -10.49
N VAL D 55 13.55 -20.58 -9.33
CA VAL D 55 14.66 -19.75 -8.82
C VAL D 55 15.91 -20.62 -8.62
N GLY D 56 17.06 -20.08 -8.95
CA GLY D 56 18.32 -20.81 -8.80
C GLY D 56 18.67 -21.71 -9.97
N THR D 57 17.87 -21.67 -11.05
CA THR D 57 18.13 -22.51 -12.22
C THR D 57 18.31 -21.70 -13.50
N ALA D 58 18.79 -22.38 -14.56
CA ALA D 58 18.91 -21.73 -15.87
C ALA D 58 18.26 -22.66 -16.91
N LYS D 59 17.58 -22.07 -17.89
CA LYS D 59 16.93 -22.86 -18.94
C LYS D 59 17.22 -22.17 -20.27
N THR D 60 17.84 -22.90 -21.20
CA THR D 60 18.20 -22.30 -22.49
C THR D 60 17.12 -22.57 -23.54
N VAL D 61 16.72 -21.51 -24.27
CA VAL D 61 15.76 -21.63 -25.38
C VAL D 61 16.40 -20.90 -26.58
N MET D 62 16.39 -21.53 -27.76
N MET D 62 16.41 -21.53 -27.76
CA MET D 62 16.97 -20.91 -28.97
CA MET D 62 16.97 -20.88 -28.94
C MET D 62 16.03 -19.90 -29.62
C MET D 62 16.02 -19.82 -29.51
N CYS D 63 16.59 -18.80 -30.14
CA CYS D 63 15.85 -17.84 -30.95
C CYS D 63 16.60 -17.99 -32.30
N GLY D 64 16.03 -18.77 -33.24
CA GLY D 64 16.77 -19.11 -34.47
C GLY D 64 17.83 -20.12 -34.05
N THR D 65 19.13 -19.78 -34.24
CA THR D 65 20.21 -20.62 -33.71
C THR D 65 20.94 -19.87 -32.55
N TYR D 66 20.41 -18.71 -32.09
CA TYR D 66 21.07 -17.93 -31.06
C TYR D 66 20.54 -18.36 -29.67
N PRO D 67 21.42 -18.86 -28.77
CA PRO D 67 20.92 -19.37 -27.48
C PRO D 67 20.67 -18.24 -26.49
N VAL D 68 19.50 -18.30 -25.80
CA VAL D 68 19.19 -17.36 -24.73
C VAL D 68 19.11 -18.23 -23.47
N ILE D 69 20.01 -17.98 -22.50
CA ILE D 69 20.06 -18.79 -21.27
C ILE D 69 19.27 -18.01 -20.23
N HIS D 70 18.04 -18.45 -19.92
CA HIS D 70 17.22 -17.72 -18.94
C HIS D 70 17.68 -18.12 -17.54
N ALA D 71 18.30 -17.19 -16.80
CA ALA D 71 18.82 -17.52 -15.45
C ALA D 71 18.00 -16.79 -14.42
N VAL D 72 17.43 -17.55 -13.45
CA VAL D 72 16.54 -16.92 -12.48
C VAL D 72 17.22 -16.71 -11.13
N GLY D 73 17.66 -15.49 -10.88
CA GLY D 73 18.23 -15.16 -9.57
C GLY D 73 17.08 -14.93 -8.60
N PRO D 74 17.40 -15.00 -7.31
CA PRO D 74 16.37 -14.77 -6.30
C PRO D 74 15.98 -13.30 -6.20
N ASN D 75 14.73 -13.06 -5.78
CA ASN D 75 14.31 -11.68 -5.48
C ASN D 75 14.56 -11.51 -3.99
N PHE D 76 15.53 -10.63 -3.61
CA PHE D 76 15.85 -10.43 -2.20
C PHE D 76 14.75 -9.72 -1.41
N SER D 77 13.68 -9.23 -2.09
CA SER D 77 12.52 -8.74 -1.31
C SER D 77 11.78 -9.96 -0.69
N ASN D 78 11.92 -11.18 -1.29
CA ASN D 78 11.21 -12.37 -0.80
C ASN D 78 12.09 -13.31 0.01
N TYR D 79 13.37 -13.42 -0.37
CA TYR D 79 14.31 -14.33 0.29
C TYR D 79 15.07 -13.64 1.42
N THR D 80 15.50 -14.42 2.42
CA THR D 80 16.41 -13.85 3.44
C THR D 80 17.79 -13.69 2.79
N GLU D 81 18.72 -12.93 3.44
CA GLU D 81 20.07 -12.79 2.88
C GLU D 81 20.73 -14.18 2.75
N SER D 82 20.53 -15.06 3.78
CA SER D 82 21.16 -16.37 3.76
C SER D 82 20.64 -17.23 2.60
N GLU D 83 19.30 -17.40 2.51
CA GLU D 83 18.77 -18.29 1.46
C GLU D 83 19.00 -17.72 0.07
N GLY D 84 18.88 -16.40 -0.05
CA GLY D 84 19.07 -15.73 -1.35
C GLY D 84 20.51 -15.83 -1.82
N ASP D 85 21.49 -15.79 -0.87
CA ASP D 85 22.89 -15.91 -1.29
C ASP D 85 23.14 -17.28 -1.92
N ARG D 86 22.51 -18.34 -1.37
CA ARG D 86 22.66 -19.70 -1.89
C ARG D 86 22.00 -19.80 -3.29
N GLU D 87 20.81 -19.22 -3.47
CA GLU D 87 20.13 -19.31 -4.78
C GLU D 87 20.84 -18.50 -5.85
N LEU D 88 21.46 -17.37 -5.46
CA LEU D 88 22.18 -16.52 -6.44
C LEU D 88 23.43 -17.29 -6.93
N ALA D 89 24.14 -17.96 -5.98
CA ALA D 89 25.29 -18.78 -6.39
C ALA D 89 24.82 -19.91 -7.33
N ALA D 90 23.69 -20.54 -7.01
CA ALA D 90 23.17 -21.65 -7.79
C ALA D 90 22.80 -21.21 -9.21
N ALA D 91 22.12 -20.06 -9.36
CA ALA D 91 21.74 -19.58 -10.71
C ALA D 91 23.01 -19.42 -11.58
N TYR D 92 24.08 -18.81 -11.01
CA TYR D 92 25.30 -18.66 -11.80
C TYR D 92 25.96 -20.02 -12.12
N ARG D 93 25.95 -20.97 -11.18
N ARG D 93 25.95 -20.98 -11.16
CA ARG D 93 26.51 -22.32 -11.42
CA ARG D 93 26.50 -22.32 -11.42
C ARG D 93 25.77 -22.99 -12.59
C ARG D 93 25.78 -22.98 -12.61
N GLU D 94 24.44 -22.80 -12.67
CA GLU D 94 23.65 -23.40 -13.76
C GLU D 94 23.93 -22.72 -15.09
N VAL D 95 24.22 -21.39 -15.07
CA VAL D 95 24.61 -20.67 -16.29
C VAL D 95 25.92 -21.26 -16.81
N ALA D 96 26.90 -21.46 -15.91
CA ALA D 96 28.20 -21.98 -16.33
C ALA D 96 28.06 -23.37 -16.96
N LYS D 97 27.21 -24.26 -16.37
CA LYS D 97 26.97 -25.58 -16.97
C LYS D 97 26.41 -25.45 -18.38
N GLU D 98 25.44 -24.54 -18.57
CA GLU D 98 24.82 -24.33 -19.89
C GLU D 98 25.83 -23.78 -20.90
N VAL D 99 26.66 -22.80 -20.50
CA VAL D 99 27.68 -22.24 -21.41
C VAL D 99 28.64 -23.37 -21.85
N THR D 100 29.04 -24.25 -20.91
CA THR D 100 29.93 -25.36 -21.28
C THR D 100 29.21 -26.34 -22.23
N ARG D 101 27.96 -26.71 -21.89
CA ARG D 101 27.20 -27.65 -22.73
C ARG D 101 27.03 -27.14 -24.17
N LEU D 102 26.75 -25.84 -24.32
CA LEU D 102 26.55 -25.22 -25.64
C LEU D 102 27.83 -25.15 -26.49
N GLY D 103 29.00 -25.19 -25.85
CA GLY D 103 30.27 -25.16 -26.57
C GLY D 103 30.61 -23.81 -27.18
N VAL D 104 29.91 -22.73 -26.74
CA VAL D 104 30.16 -21.38 -27.24
C VAL D 104 31.55 -20.88 -26.85
N ASN D 105 32.07 -19.93 -27.63
CA ASN D 105 33.36 -19.32 -27.33
C ASN D 105 33.21 -18.03 -26.51
N SER D 106 31.98 -17.46 -26.45
CA SER D 106 31.75 -16.23 -25.70
C SER D 106 30.31 -16.17 -25.21
N VAL D 107 30.10 -15.40 -24.14
CA VAL D 107 28.76 -15.25 -23.54
C VAL D 107 28.62 -13.85 -22.98
N ALA D 108 27.44 -13.22 -23.20
CA ALA D 108 27.11 -11.90 -22.65
C ALA D 108 26.29 -12.15 -21.39
N ILE D 109 26.66 -11.52 -20.27
N ILE D 109 26.71 -11.58 -20.24
CA ILE D 109 25.98 -11.78 -19.02
CA ILE D 109 26.03 -11.83 -18.96
C ILE D 109 25.72 -10.53 -18.21
C ILE D 109 25.73 -10.54 -18.20
N PRO D 110 24.52 -10.41 -17.64
CA PRO D 110 24.23 -9.26 -16.76
C PRO D 110 24.49 -9.66 -15.28
N LEU D 111 24.49 -8.69 -14.35
CA LEU D 111 24.68 -9.04 -12.92
C LEU D 111 23.30 -9.40 -12.33
N LEU D 112 23.06 -10.69 -12.13
CA LEU D 112 21.78 -11.17 -11.62
C LEU D 112 21.49 -10.58 -10.22
N SER D 113 20.20 -10.35 -9.95
CA SER D 113 19.67 -9.89 -8.68
C SER D 113 20.20 -8.48 -8.25
N THR D 114 20.66 -7.67 -9.24
CA THR D 114 21.12 -6.31 -8.92
C THR D 114 20.16 -5.17 -9.24
N GLY D 115 19.08 -5.48 -9.95
CA GLY D 115 18.07 -4.49 -10.30
C GLY D 115 16.86 -4.58 -9.40
N VAL D 116 15.66 -4.80 -9.99
CA VAL D 116 14.42 -4.90 -9.19
C VAL D 116 14.43 -6.10 -8.23
N TYR D 117 15.32 -7.09 -8.41
CA TYR D 117 15.40 -8.22 -7.45
C TYR D 117 16.43 -7.95 -6.32
N SER D 118 17.04 -6.73 -6.27
CA SER D 118 18.05 -6.47 -5.25
C SER D 118 17.53 -6.22 -3.84
N GLY D 119 16.21 -6.08 -3.67
CA GLY D 119 15.64 -5.77 -2.37
C GLY D 119 16.09 -4.41 -1.86
N GLY D 120 16.42 -3.49 -2.79
CA GLY D 120 16.85 -2.13 -2.45
C GLY D 120 18.28 -1.99 -1.94
N LYS D 121 19.10 -3.05 -2.09
CA LYS D 121 20.48 -3.05 -1.64
C LYS D 121 21.44 -3.04 -2.83
N ASP D 122 22.66 -2.49 -2.63
CA ASP D 122 23.69 -2.49 -3.66
C ASP D 122 24.33 -3.87 -3.62
N ARG D 123 24.13 -4.69 -4.66
CA ARG D 123 24.64 -6.06 -4.72
C ARG D 123 25.67 -6.29 -5.80
N LEU D 124 26.36 -5.21 -6.26
CA LEU D 124 27.38 -5.37 -7.32
C LEU D 124 28.46 -6.39 -6.90
N THR D 125 29.10 -6.18 -5.72
CA THR D 125 30.17 -7.07 -5.31
C THR D 125 29.71 -8.51 -5.08
N GLN D 126 28.57 -8.67 -4.43
CA GLN D 126 28.01 -9.99 -4.16
C GLN D 126 27.72 -10.73 -5.48
N SER D 127 27.00 -10.08 -6.38
CA SER D 127 26.61 -10.75 -7.64
C SER D 127 27.84 -11.05 -8.51
N LEU D 128 28.77 -10.09 -8.59
CA LEU D 128 29.98 -10.30 -9.38
C LEU D 128 30.85 -11.42 -8.78
N ASN D 129 30.89 -11.51 -7.42
CA ASN D 129 31.68 -12.58 -6.80
C ASN D 129 31.13 -13.97 -7.15
N HIS D 130 29.79 -14.15 -7.14
CA HIS D 130 29.20 -15.43 -7.55
C HIS D 130 29.44 -15.69 -9.05
N LEU D 131 29.38 -14.63 -9.86
CA LEU D 131 29.62 -14.77 -11.32
C LEU D 131 31.04 -15.32 -11.57
N PHE D 132 32.07 -14.69 -10.95
CA PHE D 132 33.45 -15.16 -11.17
C PHE D 132 33.60 -16.62 -10.69
N THR D 133 33.04 -16.96 -9.51
CA THR D 133 33.18 -18.34 -8.99
C THR D 133 32.65 -19.39 -9.96
N ALA D 134 31.48 -19.11 -10.53
CA ALA D 134 30.87 -20.05 -11.47
C ALA D 134 31.60 -20.03 -12.80
N MET D 135 31.82 -18.83 -13.38
CA MET D 135 32.35 -18.74 -14.74
C MET D 135 33.82 -19.13 -14.85
N ASP D 136 34.57 -19.11 -13.73
CA ASP D 136 35.95 -19.57 -13.75
C ASP D 136 36.04 -21.05 -14.14
N SER D 137 34.92 -21.82 -14.05
CA SER D 137 34.93 -23.24 -14.45
C SER D 137 34.79 -23.44 -15.97
N THR D 138 34.48 -22.37 -16.73
CA THR D 138 34.36 -22.46 -18.17
C THR D 138 35.64 -21.95 -18.85
N ASP D 139 35.73 -22.12 -20.18
CA ASP D 139 36.84 -21.52 -20.92
C ASP D 139 36.34 -20.45 -21.93
N ALA D 140 35.13 -19.90 -21.67
CA ALA D 140 34.55 -18.91 -22.55
C ALA D 140 35.02 -17.50 -22.25
N ASP D 141 34.95 -16.63 -23.27
CA ASP D 141 35.21 -15.22 -23.06
C ASP D 141 33.92 -14.65 -22.51
N VAL D 142 33.97 -14.09 -21.31
CA VAL D 142 32.78 -13.58 -20.65
C VAL D 142 32.74 -12.08 -20.76
N VAL D 143 31.62 -11.53 -21.23
CA VAL D 143 31.47 -10.09 -21.33
C VAL D 143 30.30 -9.69 -20.44
N ILE D 144 30.58 -8.95 -19.38
CA ILE D 144 29.59 -8.49 -18.42
C ILE D 144 29.02 -7.18 -18.89
N TYR D 145 27.68 -7.07 -18.88
CA TYR D 145 27.01 -5.85 -19.34
C TYR D 145 26.42 -5.08 -18.17
N CYS D 146 26.57 -3.76 -18.19
CA CYS D 146 25.97 -2.90 -17.18
C CYS D 146 25.49 -1.60 -17.85
N ARG D 147 24.77 -0.73 -17.13
CA ARG D 147 24.29 0.52 -17.72
C ARG D 147 24.85 1.77 -17.03
N ASP D 148 25.29 1.63 -15.79
CA ASP D 148 25.76 2.75 -14.97
C ASP D 148 27.29 2.98 -15.09
N LYS D 149 27.73 4.25 -15.27
CA LYS D 149 29.16 4.57 -15.40
C LYS D 149 29.99 4.19 -14.16
N GLU D 150 29.44 4.41 -12.95
CA GLU D 150 30.17 4.04 -11.73
C GLU D 150 30.25 2.51 -11.59
N TRP D 151 29.19 1.80 -11.97
CA TRP D 151 29.22 0.32 -11.94
C TRP D 151 30.24 -0.21 -12.96
N GLU D 152 30.34 0.39 -14.15
CA GLU D 152 31.34 -0.02 -15.14
C GLU D 152 32.76 0.07 -14.56
N LYS D 153 33.07 1.19 -13.90
CA LYS D 153 34.38 1.39 -13.31
C LYS D 153 34.66 0.35 -12.21
N LYS D 154 33.67 0.09 -11.34
CA LYS D 154 33.84 -0.88 -10.24
C LYS D 154 34.00 -2.29 -10.75
N ILE D 155 33.25 -2.67 -11.81
CA ILE D 155 33.38 -4.02 -12.37
C ILE D 155 34.75 -4.14 -13.04
N SER D 156 35.18 -3.11 -13.79
CA SER D 156 36.49 -3.14 -14.43
C SER D 156 37.62 -3.28 -13.38
N GLU D 157 37.51 -2.53 -12.26
CA GLU D 157 38.51 -2.62 -11.19
C GLU D 157 38.53 -4.04 -10.60
N ALA D 158 37.36 -4.65 -10.40
CA ALA D 158 37.29 -5.99 -9.84
C ALA D 158 37.91 -7.02 -10.79
N ILE D 159 37.73 -6.88 -12.12
CA ILE D 159 38.35 -7.79 -13.06
C ILE D 159 39.88 -7.65 -12.99
N GLN D 160 40.37 -6.41 -13.02
CA GLN D 160 41.81 -6.18 -13.03
C GLN D 160 42.53 -6.60 -11.74
N MET D 161 41.85 -6.51 -10.59
CA MET D 161 42.47 -6.90 -9.31
C MET D 161 42.82 -8.40 -9.22
N ARG D 162 42.14 -9.24 -10.00
CA ARG D 162 42.41 -10.69 -9.98
C ARG D 162 43.52 -11.14 -10.93
N THR D 163 43.93 -10.26 -11.87
CA THR D 163 44.96 -10.62 -12.85
C THR D 163 46.37 -10.54 -12.21
S DMS E . -2.97 31.27 0.24
O DMS E . -3.18 30.78 -1.16
C1 DMS E . -4.57 31.67 0.95
C2 DMS E . -2.46 32.99 0.18
C TRS F . 1.00 24.14 -23.97
C1 TRS F . -0.42 23.85 -23.48
C2 TRS F . 1.87 22.88 -23.92
C3 TRS F . 0.97 24.73 -25.39
N TRS F . 1.61 25.16 -23.06
O1 TRS F . -1.27 25.01 -23.53
O2 TRS F . 1.41 21.87 -24.81
O3 TRS F . 2.25 25.19 -25.81
S DMS G . -2.48 6.00 -16.71
O DMS G . -3.74 6.50 -16.08
C1 DMS G . -1.19 6.21 -15.50
C2 DMS G . -1.80 7.19 -17.91
S DMS H . -18.37 21.97 1.31
O DMS H . -19.36 20.89 1.61
C1 DMS H . -18.48 23.15 2.71
C2 DMS H . -19.20 23.20 0.26
CL CL I . -5.36 27.92 0.71
CL CL J . -4.15 18.33 7.90
N1 A1BCN K . 3.59 23.84 -6.02
N3 A1BCN K . -0.52 24.84 -2.88
C4 A1BCN K . 3.66 24.29 -8.74
C5 A1BCN K . -0.19 24.79 -4.15
C6 A1BCN K . -1.84 25.19 -2.75
C7 A1BCN K . -2.51 25.42 -3.89
O1 A1BCN K . 5.73 23.12 -6.11
C2 A1BCN K . 4.75 23.56 -6.72
C3 A1BCN K . 4.76 23.80 -8.15
N2 A1BCN K . 2.54 24.55 -8.02
C1 A1BCN K . 2.55 24.31 -6.69
N A1BCN K . 1.40 24.59 -5.99
C A1BCN K . 1.15 24.42 -4.64
O A1BCN K . 1.99 23.96 -3.85
S A1BCN K . -1.48 25.19 -5.23
S DMS L . -6.79 22.27 9.20
O DMS L . -5.76 22.55 8.16
C1 DMS L . -6.78 20.46 9.37
C2 DMS L . -6.03 22.60 10.81
S DMS M . 0.72 3.20 29.08
O DMS M . -0.61 3.91 29.30
C1 DMS M . 0.53 1.42 29.34
C2 DMS M . 1.78 3.52 30.52
CL CL N . -1.99 1.38 26.47
N1 A1BCN O . -3.76 12.86 24.28
N3 A1BCN O . -3.37 7.65 24.72
C4 A1BCN O . -5.32 14.52 25.82
C5 A1BCN O . -4.06 8.65 25.21
C6 A1BCN O . -3.79 6.47 25.27
C7 A1BCN O . -4.79 6.56 26.16
O1 A1BCN O . -3.00 14.68 23.15
C2 A1BCN O . -3.72 14.22 24.04
C3 A1BCN O . -4.56 15.06 24.87
N2 A1BCN O . -5.32 13.18 26.02
C1 A1BCN O . -4.53 12.40 25.24
N A1BCN O . -4.56 11.04 25.45
C A1BCN O . -3.86 10.06 24.79
O A1BCN O . -3.09 10.31 23.86
S A1BCN O . -5.26 8.18 26.35
C TRS P . -17.18 21.24 33.33
C1 TRS P . -17.67 19.79 33.20
C2 TRS P . -17.40 21.99 32.02
C3 TRS P . -17.89 21.94 34.50
N TRS P . -15.70 21.20 33.62
O1 TRS P . -17.51 19.05 34.41
O2 TRS P . -17.06 23.37 32.11
O3 TRS P . -17.20 23.09 34.94
C TRS Q . -18.67 10.30 40.29
C1 TRS Q . -17.47 11.16 40.70
C2 TRS Q . -19.49 11.00 39.20
C3 TRS Q . -18.24 8.90 39.81
N TRS Q . -19.56 10.13 41.49
O1 TRS Q . -16.21 10.75 40.18
O2 TRS Q . -19.93 12.31 39.57
O3 TRS Q . -19.27 8.17 39.15
S DMS R . -12.38 -12.69 0.31
O DMS R . -11.01 -12.33 0.81
C1 DMS R . -12.23 -14.23 -0.63
C2 DMS R . -13.34 -13.36 1.68
CL CL S . -15.83 -14.52 -5.58
CL CL T . -3.59 -3.40 12.87
CL CL U . -12.46 -9.65 2.63
S DMS V . -12.64 -30.45 10.51
O DMS V . -11.60 -29.38 10.57
C1 DMS V . -13.00 -30.81 8.78
C2 DMS V . -14.26 -29.74 10.91
S DMS W . -12.10 -10.52 7.45
O DMS W . -10.99 -11.45 7.75
C1 DMS W . -13.63 -11.48 7.60
C2 DMS W . -12.16 -10.29 5.65
S DMS X . 2.38 0.48 -4.10
O DMS X . 1.15 0.80 -3.29
C1 DMS X . 3.75 0.13 -2.98
C2 DMS X . 3.13 2.03 -4.67
S DMS Y . -18.20 -10.51 -4.91
O DMS Y . -18.42 -11.66 -5.87
C1 DMS Y . -16.96 -11.06 -3.73
C2 DMS Y . -19.56 -10.52 -3.70
S DMS Z . 14.04 -6.51 -32.99
O DMS Z . 14.95 -6.11 -31.87
C1 DMS Z . 12.39 -5.95 -32.48
C2 DMS Z . 13.70 -8.31 -32.88
S DMS AA . 18.86 -26.32 -25.92
O DMS AA . 20.11 -25.52 -25.77
C1 DMS AA . 17.57 -25.21 -26.51
C2 DMS AA . 18.12 -26.65 -24.29
CL CL BA . 24.18 -1.12 -13.96
N1 A1BCN CA . 14.74 -8.42 -14.35
N3 A1BCN CA . 19.12 -5.52 -14.92
C4 A1BCN CA . 14.55 -10.71 -12.82
C5 A1BCN CA . 18.70 -6.65 -14.40
C6 A1BCN CA . 20.47 -5.38 -14.69
C7 A1BCN CA . 21.06 -6.37 -14.01
O1 A1BCN CA . 12.54 -8.63 -14.89
C2 A1BCN CA . 13.52 -9.08 -14.28
C3 A1BCN CA . 13.45 -10.28 -13.47
N2 A1BCN CA . 15.72 -10.02 -12.91
C1 A1BCN CA . 15.76 -8.90 -13.68
N A1BCN CA . 16.96 -8.25 -13.78
C A1BCN CA . 17.28 -7.12 -14.49
O A1BCN CA . 16.48 -6.49 -15.17
S A1BCN CA . 19.91 -7.58 -13.60
S DMS DA . 22.20 -0.76 -10.33
O DMS DA . 22.81 0.57 -10.64
C1 DMS DA . 21.61 -1.50 -11.87
C2 DMS DA . 20.55 -0.45 -9.63
#